data_2Z36
#
_entry.id   2Z36
#
_cell.length_a   81.557
_cell.length_b   83.256
_cell.length_c   175.851
_cell.angle_alpha   90.00
_cell.angle_beta   90.00
_cell.angle_gamma   90.00
#
_symmetry.space_group_name_H-M   'P 21 21 21'
#
loop_
_entity.id
_entity.type
_entity.pdbx_description
1 polymer "Cytochrome P450 type compactin 3'',4''-hydroxylase"
2 non-polymer 'FE (III) ION'
3 non-polymer 'PROTOPORPHYRIN IX CONTAINING FE'
4 non-polymer '2-(N-MORPHOLINO)-ETHANESULFONIC ACID'
5 water water
#
_entity_poly.entity_id   1
_entity_poly.type   'polypeptide(L)'
_entity_poly.pdbx_seq_one_letter_code
;MTKNVADELAGLELPVERGCPFAPPAAYERLRERAPINKVRLTSGGQAWWVSGHEEARAVLADGRFSSDKRKDGFPLFTL
DAATLQQLRSQPPLMLGMDGAEHSAARRPVIGEFTVKRLAALRPRIQDIVDHFIDDMLATDQRPVDLVQALSLPVPSLVI
CELLGVPYTDHDFFQSRTTMMVSRTSMEDRRRAFAELRAYIDDLITRKESEPGDDLFSRQIARQRQEGTLDHAGLVSLAF
LLLTAGHETTANMISLGVVGLLSHPEQLTVVKANPGRTPMAVEELLRYFTIADGVTSRLATEDVEIGGVSIKAGEGVIVS
MLSANWDPAVFKDPAVLDVERGARHHLAFGFGPHQCLGQNLARMELQIVFDTLFRRIPSLRLAVPMEDVPFKGDSVIYGV
HELPVTWHHHHHH
;
_entity_poly.pdbx_strand_id   A,B
#
loop_
_chem_comp.id
_chem_comp.type
_chem_comp.name
_chem_comp.formula
FE non-polymer 'FE (III) ION' 'Fe 3'
HEM non-polymer 'PROTOPORPHYRIN IX CONTAINING FE' 'C34 H32 Fe N4 O4'
MES non-polymer '2-(N-MORPHOLINO)-ETHANESULFONIC ACID' 'C6 H13 N O4 S'
#
# COMPACT_ATOMS: atom_id res chain seq x y z
N ALA A 10 13.88 35.50 2.51
CA ALA A 10 14.05 34.12 3.05
C ALA A 10 13.45 33.09 2.11
N GLY A 11 14.12 32.87 0.97
CA GLY A 11 13.66 31.89 0.00
C GLY A 11 14.05 30.51 0.50
N LEU A 12 14.59 30.50 1.71
CA LEU A 12 15.05 29.30 2.42
C LEU A 12 14.32 28.01 2.06
N GLU A 13 15.05 26.90 2.09
CA GLU A 13 14.48 25.60 1.78
C GLU A 13 14.54 24.69 3.00
N LEU A 14 13.38 24.38 3.57
CA LEU A 14 13.29 23.51 4.74
C LEU A 14 13.38 22.04 4.32
N PRO A 15 13.73 21.16 5.27
CA PRO A 15 14.03 21.40 6.68
C PRO A 15 15.37 22.09 6.91
N VAL A 16 15.54 22.62 8.12
CA VAL A 16 16.76 23.29 8.52
C VAL A 16 17.31 22.50 9.71
N GLU A 17 18.62 22.22 9.70
CA GLU A 17 19.23 21.45 10.78
C GLU A 17 19.16 22.14 12.13
N ARG A 18 18.94 21.33 13.17
CA ARG A 18 18.89 21.82 14.54
C ARG A 18 20.38 21.97 14.93
N GLY A 19 20.89 23.20 14.88
CA GLY A 19 22.30 23.42 15.19
C GLY A 19 22.69 23.61 16.64
N CYS A 20 21.77 24.14 17.44
CA CYS A 20 22.02 24.38 18.86
C CYS A 20 20.91 23.69 19.66
N PRO A 21 21.28 22.87 20.66
CA PRO A 21 20.28 22.17 21.47
C PRO A 21 19.60 23.02 22.54
N PHE A 22 19.90 24.32 22.56
CA PHE A 22 19.29 25.20 23.55
C PHE A 22 18.58 26.37 22.89
N ALA A 23 18.27 26.18 21.61
CA ALA A 23 17.57 27.16 20.81
C ALA A 23 17.32 26.56 19.43
N PRO A 24 16.09 26.67 18.93
CA PRO A 24 15.74 26.13 17.60
C PRO A 24 16.33 26.98 16.48
N PRO A 25 16.39 26.43 15.26
CA PRO A 25 16.95 27.15 14.11
C PRO A 25 16.49 28.62 14.09
N ALA A 26 17.46 29.53 13.95
CA ALA A 26 17.15 30.95 13.90
C ALA A 26 16.03 31.20 12.89
N ALA A 27 16.13 30.55 11.74
CA ALA A 27 15.14 30.70 10.69
C ALA A 27 13.71 30.47 11.18
N TYR A 28 13.55 29.53 12.11
CA TYR A 28 12.23 29.22 12.65
C TYR A 28 11.59 30.43 13.32
N GLU A 29 12.31 31.06 14.24
CA GLU A 29 11.79 32.22 14.94
C GLU A 29 11.46 33.35 13.96
N ARG A 30 12.38 33.62 13.05
CA ARG A 30 12.17 34.68 12.08
C ARG A 30 10.98 34.39 11.17
N LEU A 31 10.62 33.12 11.06
CA LEU A 31 9.48 32.72 10.26
C LEU A 31 8.19 33.01 11.04
N ARG A 32 8.20 32.73 12.33
CA ARG A 32 7.02 32.98 13.17
C ARG A 32 6.78 34.47 13.28
N GLU A 33 7.87 35.23 13.40
CA GLU A 33 7.78 36.68 13.51
C GLU A 33 7.06 37.26 12.29
N ARG A 34 7.20 36.56 11.16
CA ARG A 34 6.61 36.98 9.90
C ARG A 34 5.11 36.65 9.83
N ALA A 35 4.75 35.43 10.20
CA ALA A 35 3.35 35.01 10.17
C ALA A 35 3.17 33.65 10.84
N PRO A 36 1.93 33.31 11.24
CA PRO A 36 1.66 32.03 11.88
C PRO A 36 1.88 30.88 10.90
N ILE A 37 1.59 31.17 9.63
CA ILE A 37 1.74 30.20 8.56
C ILE A 37 2.48 30.84 7.39
N ASN A 38 3.50 30.16 6.87
CA ASN A 38 4.28 30.66 5.75
C ASN A 38 4.47 29.56 4.70
N LYS A 39 4.43 29.93 3.42
CA LYS A 39 4.66 28.94 2.38
C LYS A 39 6.17 28.85 2.22
N VAL A 40 6.69 27.64 2.35
CA VAL A 40 8.12 27.45 2.27
C VAL A 40 8.57 26.52 1.15
N ARG A 41 9.88 26.52 0.95
CA ARG A 41 10.55 25.68 -0.05
C ARG A 41 10.94 24.38 0.62
N LEU A 42 10.82 23.27 -0.09
CA LEU A 42 11.19 21.97 0.46
C LEU A 42 12.43 21.42 -0.23
N THR A 43 13.45 21.11 0.56
CA THR A 43 14.68 20.56 0.01
C THR A 43 14.34 19.40 -0.92
N SER A 44 13.38 18.58 -0.50
CA SER A 44 12.94 17.43 -1.28
C SER A 44 12.45 17.88 -2.66
N GLY A 45 12.27 19.18 -2.83
CA GLY A 45 11.83 19.69 -4.12
C GLY A 45 10.48 20.37 -4.16
N GLY A 46 9.55 19.92 -3.33
CA GLY A 46 8.22 20.52 -3.35
C GLY A 46 8.10 21.90 -2.75
N GLN A 47 6.93 22.16 -2.20
CA GLN A 47 6.59 23.43 -1.54
C GLN A 47 5.44 23.09 -0.61
N ALA A 48 5.38 23.74 0.54
CA ALA A 48 4.30 23.46 1.48
C ALA A 48 4.13 24.54 2.53
N TRP A 49 3.01 24.49 3.22
CA TRP A 49 2.71 25.46 4.25
C TRP A 49 3.43 25.05 5.54
N TRP A 50 4.01 26.04 6.21
CA TRP A 50 4.76 25.81 7.44
C TRP A 50 4.11 26.57 8.59
N VAL A 51 3.49 25.82 9.51
CA VAL A 51 2.84 26.42 10.66
C VAL A 51 3.83 26.67 11.78
N SER A 52 4.02 27.93 12.14
CA SER A 52 4.96 28.30 13.20
C SER A 52 4.24 28.72 14.48
N GLY A 53 3.04 29.27 14.33
CA GLY A 53 2.26 29.72 15.47
C GLY A 53 1.68 28.59 16.29
N HIS A 54 1.68 28.75 17.61
CA HIS A 54 1.16 27.74 18.51
C HIS A 54 -0.33 27.49 18.34
N GLU A 55 -1.12 28.56 18.31
CA GLU A 55 -2.56 28.41 18.15
C GLU A 55 -2.89 27.71 16.83
N GLU A 56 -2.21 28.10 15.76
CA GLU A 56 -2.44 27.50 14.46
C GLU A 56 -2.00 26.05 14.46
N ALA A 57 -0.95 25.74 15.21
CA ALA A 57 -0.44 24.37 15.30
C ALA A 57 -1.55 23.45 15.81
N ARG A 58 -2.18 23.84 16.90
CA ARG A 58 -3.27 23.07 17.49
C ARG A 58 -4.39 22.99 16.45
N ALA A 59 -4.68 24.14 15.85
CA ALA A 59 -5.73 24.27 14.85
C ALA A 59 -5.69 23.18 13.79
N VAL A 60 -4.57 23.12 13.07
CA VAL A 60 -4.40 22.12 12.01
C VAL A 60 -4.39 20.69 12.54
N LEU A 61 -3.57 20.46 13.57
CA LEU A 61 -3.45 19.12 14.14
C LEU A 61 -4.79 18.57 14.63
N ALA A 62 -5.76 19.45 14.88
CA ALA A 62 -7.06 19.01 15.36
C ALA A 62 -8.10 18.98 14.24
N ASP A 63 -7.80 19.70 13.16
CA ASP A 63 -8.68 19.79 12.02
C ASP A 63 -8.54 18.58 11.08
N GLY A 64 -9.58 17.76 11.03
CA GLY A 64 -9.58 16.57 10.18
C GLY A 64 -9.40 16.83 8.71
N ARG A 65 -9.55 18.08 8.28
CA ARG A 65 -9.40 18.42 6.87
C ARG A 65 -7.94 18.27 6.44
N PHE A 66 -7.04 18.19 7.42
CA PHE A 66 -5.62 18.03 7.15
C PHE A 66 -5.29 16.56 7.41
N SER A 67 -5.44 15.76 6.36
CA SER A 67 -5.19 14.32 6.41
C SER A 67 -3.77 13.90 6.73
N SER A 68 -3.65 12.71 7.32
CA SER A 68 -2.37 12.14 7.69
C SER A 68 -2.15 10.89 6.84
N ASP A 69 -3.05 10.66 5.90
CA ASP A 69 -2.98 9.49 5.03
C ASP A 69 -1.91 9.61 3.95
N LYS A 70 -0.88 8.79 4.05
CA LYS A 70 0.21 8.80 3.07
C LYS A 70 -0.20 8.22 1.72
N ARG A 71 -1.39 7.64 1.66
CA ARG A 71 -1.87 7.05 0.42
C ARG A 71 -2.42 8.09 -0.53
N LYS A 72 -2.49 9.33 -0.04
CA LYS A 72 -3.02 10.42 -0.83
C LYS A 72 -1.98 11.15 -1.67
N ASP A 73 -2.31 11.36 -2.93
CA ASP A 73 -1.44 12.05 -3.86
C ASP A 73 -1.13 13.44 -3.31
N GLY A 74 0.15 13.81 -3.33
CA GLY A 74 0.53 15.12 -2.86
C GLY A 74 1.05 15.15 -1.43
N PHE A 75 0.94 14.07 -0.69
CA PHE A 75 1.43 14.06 0.69
C PHE A 75 2.86 14.57 0.67
N PRO A 76 3.17 15.53 1.55
CA PRO A 76 4.51 16.14 1.65
C PRO A 76 5.66 15.19 1.97
N LEU A 77 6.76 15.33 1.24
CA LEU A 77 7.94 14.52 1.47
C LEU A 77 8.89 15.30 2.36
N PHE A 78 8.44 15.65 3.56
CA PHE A 78 9.29 16.41 4.48
C PHE A 78 10.24 15.51 5.26
N THR A 79 9.67 14.63 6.09
CA THR A 79 10.49 13.70 6.86
C THR A 79 10.42 12.33 6.18
N LEU A 80 9.89 12.31 4.95
CA LEU A 80 9.77 11.08 4.18
C LEU A 80 10.58 11.08 2.89
N ASP A 81 11.14 9.92 2.56
CA ASP A 81 11.92 9.74 1.34
C ASP A 81 10.91 9.53 0.23
N ALA A 82 11.41 9.26 -0.97
CA ALA A 82 10.54 8.96 -2.09
C ALA A 82 10.34 7.46 -1.89
N ALA A 83 11.43 6.80 -1.51
CA ALA A 83 11.44 5.36 -1.27
C ALA A 83 10.65 5.04 -0.01
N THR A 84 10.75 5.92 0.98
CA THR A 84 10.04 5.73 2.24
C THR A 84 8.55 5.92 2.02
N LEU A 85 8.19 6.82 1.10
CA LEU A 85 6.79 7.06 0.81
C LEU A 85 6.29 5.85 0.04
N GLN A 86 7.11 5.36 -0.88
CA GLN A 86 6.71 4.20 -1.67
C GLN A 86 6.51 2.97 -0.81
N GLN A 87 7.33 2.80 0.22
CA GLN A 87 7.18 1.65 1.09
C GLN A 87 5.82 1.71 1.80
N LEU A 88 5.50 2.88 2.35
CA LEU A 88 4.23 3.05 3.05
C LEU A 88 3.04 2.76 2.14
N ARG A 89 3.23 2.96 0.83
CA ARG A 89 2.17 2.70 -0.14
C ARG A 89 2.25 1.27 -0.68
N SER A 90 3.00 0.41 0.01
CA SER A 90 3.16 -0.97 -0.40
C SER A 90 2.77 -1.93 0.71
N GLN A 91 1.99 -1.42 1.66
CA GLN A 91 1.54 -2.21 2.80
C GLN A 91 0.34 -1.51 3.42
N PRO A 92 -0.34 -2.19 4.35
CA PRO A 92 -1.51 -1.57 4.98
C PRO A 92 -1.10 -0.25 5.66
N PRO A 93 -2.04 0.67 5.81
CA PRO A 93 -1.68 1.94 6.44
C PRO A 93 -1.41 1.77 7.93
N LEU A 94 -0.51 2.60 8.46
CA LEU A 94 -0.19 2.56 9.88
C LEU A 94 -1.24 3.44 10.57
N MET A 95 -1.38 3.28 11.88
CA MET A 95 -2.33 4.07 12.63
C MET A 95 -1.96 5.53 12.42
N LEU A 96 -0.66 5.76 12.35
CA LEU A 96 -0.09 7.08 12.16
C LEU A 96 -0.42 7.63 10.77
N GLY A 97 -1.01 6.79 9.92
CA GLY A 97 -1.35 7.21 8.57
C GLY A 97 -2.78 7.03 8.11
N MET A 98 -3.73 6.98 9.03
CA MET A 98 -5.13 6.85 8.65
C MET A 98 -6.01 7.93 9.28
N ASP A 99 -7.16 8.21 8.67
CA ASP A 99 -8.03 9.25 9.20
C ASP A 99 -9.34 8.74 9.79
N GLY A 100 -10.12 9.68 10.29
CA GLY A 100 -11.43 9.41 10.89
C GLY A 100 -11.77 8.02 11.38
N ALA A 101 -12.90 7.51 10.90
CA ALA A 101 -13.38 6.20 11.30
C ALA A 101 -12.29 5.14 11.26
N GLU A 102 -11.62 4.99 10.13
CA GLU A 102 -10.56 3.99 10.01
C GLU A 102 -9.54 4.13 11.13
N HIS A 103 -9.16 5.37 11.44
CA HIS A 103 -8.19 5.63 12.50
C HIS A 103 -8.76 5.17 13.84
N SER A 104 -9.87 5.79 14.21
CA SER A 104 -10.55 5.48 15.47
C SER A 104 -10.61 3.97 15.68
N ALA A 105 -11.06 3.27 14.65
CA ALA A 105 -11.18 1.82 14.72
C ALA A 105 -9.86 1.15 15.07
N ALA A 106 -8.76 1.75 14.62
CA ALA A 106 -7.43 1.20 14.87
C ALA A 106 -6.86 1.61 16.22
N ARG A 107 -7.35 2.72 16.77
CA ARG A 107 -6.84 3.19 18.04
C ARG A 107 -7.64 2.75 19.27
N ARG A 108 -8.96 2.76 19.16
CA ARG A 108 -9.81 2.37 20.27
C ARG A 108 -9.36 1.08 20.95
N PRO A 109 -9.19 -0.01 20.18
CA PRO A 109 -8.76 -1.29 20.74
C PRO A 109 -7.40 -1.31 21.44
N VAL A 110 -6.70 -0.20 21.47
CA VAL A 110 -5.39 -0.17 22.12
C VAL A 110 -5.29 0.93 23.19
N ILE A 111 -6.25 1.84 23.21
CA ILE A 111 -6.25 2.92 24.19
C ILE A 111 -6.13 2.44 25.63
N GLY A 112 -6.74 1.28 25.90
CA GLY A 112 -6.72 0.74 27.24
C GLY A 112 -5.36 0.30 27.78
N GLU A 113 -4.43 0.00 26.89
CA GLU A 113 -3.11 -0.43 27.34
C GLU A 113 -2.28 0.72 27.93
N PHE A 114 -2.83 1.93 27.92
CA PHE A 114 -2.11 3.09 28.44
C PHE A 114 -2.85 3.91 29.49
N THR A 115 -3.83 3.29 30.16
CA THR A 115 -4.59 3.96 31.20
C THR A 115 -3.70 4.18 32.42
N VAL A 116 -4.19 4.98 33.37
CA VAL A 116 -3.43 5.26 34.58
C VAL A 116 -3.19 3.96 35.35
N LYS A 117 -4.26 3.18 35.48
CA LYS A 117 -4.20 1.90 36.19
C LYS A 117 -3.26 0.96 35.45
N ARG A 118 -3.50 0.79 34.15
CA ARG A 118 -2.68 -0.07 33.30
C ARG A 118 -1.20 0.27 33.47
N LEU A 119 -0.88 1.55 33.32
CA LEU A 119 0.50 2.01 33.45
C LEU A 119 1.01 1.93 34.88
N ALA A 120 0.11 2.04 35.85
CA ALA A 120 0.48 1.96 37.24
C ALA A 120 1.12 0.61 37.56
N ALA A 121 0.47 -0.46 37.13
CA ALA A 121 0.99 -1.81 37.38
C ALA A 121 2.34 -2.01 36.70
N LEU A 122 2.58 -1.24 35.64
CA LEU A 122 3.81 -1.34 34.87
C LEU A 122 4.99 -0.64 35.55
N ARG A 123 4.70 0.39 36.32
CA ARG A 123 5.72 1.18 37.03
C ARG A 123 6.86 0.37 37.68
N PRO A 124 6.52 -0.59 38.55
CA PRO A 124 7.56 -1.38 39.21
C PRO A 124 8.53 -2.00 38.21
N ARG A 125 7.98 -2.67 37.21
CA ARG A 125 8.78 -3.31 36.16
C ARG A 125 9.74 -2.28 35.55
N ILE A 126 9.25 -1.06 35.35
CA ILE A 126 10.06 0.01 34.78
C ILE A 126 11.19 0.37 35.72
N GLN A 127 10.86 0.60 37.00
CA GLN A 127 11.86 0.93 38.00
C GLN A 127 12.97 -0.11 38.03
N ASP A 128 12.58 -1.38 38.08
CA ASP A 128 13.56 -2.45 38.11
C ASP A 128 14.52 -2.36 36.93
N ILE A 129 13.97 -2.18 35.74
CA ILE A 129 14.81 -2.09 34.55
C ILE A 129 15.80 -0.93 34.67
N VAL A 130 15.30 0.24 35.08
CA VAL A 130 16.15 1.41 35.25
C VAL A 130 17.22 1.15 36.32
N ASP A 131 16.81 0.60 37.45
CA ASP A 131 17.75 0.31 38.51
C ASP A 131 18.86 -0.60 38.03
N HIS A 132 18.49 -1.62 37.24
CA HIS A 132 19.48 -2.55 36.73
C HIS A 132 20.60 -1.86 35.96
N PHE A 133 20.24 -1.14 34.90
CA PHE A 133 21.24 -0.47 34.10
C PHE A 133 21.99 0.61 34.86
N ILE A 134 21.33 1.26 35.82
CA ILE A 134 21.99 2.27 36.63
C ILE A 134 23.10 1.54 37.38
N ASP A 135 22.81 0.29 37.76
CA ASP A 135 23.75 -0.56 38.46
C ASP A 135 24.92 -0.85 37.53
N ASP A 136 24.61 -1.42 36.37
CA ASP A 136 25.62 -1.75 35.38
C ASP A 136 26.57 -0.58 35.19
N MET A 137 26.04 0.64 35.32
CA MET A 137 26.85 1.84 35.18
C MET A 137 27.80 1.97 36.37
N LEU A 138 27.23 1.88 37.57
CA LEU A 138 28.02 1.99 38.79
C LEU A 138 29.01 0.85 38.96
N ALA A 139 29.32 0.14 37.89
CA ALA A 139 30.26 -0.96 37.97
C ALA A 139 31.07 -1.11 36.69
N THR A 140 30.97 -0.10 35.82
CA THR A 140 31.69 -0.13 34.55
C THR A 140 33.18 0.07 34.73
N ASP A 141 33.95 -0.61 33.89
CA ASP A 141 35.41 -0.54 33.90
C ASP A 141 35.83 0.48 32.85
N GLN A 142 35.11 1.60 32.79
CA GLN A 142 35.41 2.63 31.82
C GLN A 142 35.53 4.00 32.48
N ARG A 143 36.48 4.79 31.98
CA ARG A 143 36.71 6.13 32.49
C ARG A 143 35.44 6.90 32.13
N PRO A 144 35.19 7.16 30.83
CA PRO A 144 33.97 7.88 30.49
C PRO A 144 32.95 6.83 30.06
N VAL A 145 31.68 7.05 30.35
CA VAL A 145 30.65 6.09 29.97
C VAL A 145 29.63 6.77 29.07
N ASP A 146 29.22 6.08 28.00
CA ASP A 146 28.25 6.66 27.08
C ASP A 146 26.83 6.43 27.58
N LEU A 147 26.28 7.47 28.21
CA LEU A 147 24.94 7.42 28.77
C LEU A 147 23.91 6.92 27.75
N VAL A 148 24.20 7.10 26.47
CA VAL A 148 23.30 6.67 25.41
C VAL A 148 23.24 5.15 25.30
N GLN A 149 24.38 4.49 25.47
CA GLN A 149 24.44 3.04 25.38
C GLN A 149 24.20 2.35 26.72
N ALA A 150 24.30 3.12 27.81
CA ALA A 150 24.10 2.57 29.14
C ALA A 150 22.66 2.76 29.59
N LEU A 151 22.08 3.91 29.28
CA LEU A 151 20.70 4.21 29.67
C LEU A 151 19.76 4.45 28.50
N SER A 152 19.93 5.60 27.87
CA SER A 152 19.13 6.04 26.73
C SER A 152 18.55 4.95 25.84
N LEU A 153 19.38 4.04 25.37
CA LEU A 153 18.92 3.00 24.46
C LEU A 153 18.27 1.75 25.06
N PRO A 154 18.95 1.07 25.99
CA PRO A 154 18.40 -0.14 26.61
C PRO A 154 17.09 -0.01 27.41
N VAL A 155 16.90 1.11 28.09
CA VAL A 155 15.69 1.30 28.91
C VAL A 155 14.37 1.30 28.14
N PRO A 156 14.16 2.27 27.24
CA PRO A 156 12.90 2.32 26.50
C PRO A 156 12.56 1.02 25.76
N SER A 157 13.59 0.38 25.20
CA SER A 157 13.40 -0.87 24.46
C SER A 157 12.87 -1.97 25.37
N LEU A 158 13.54 -2.17 26.49
CA LEU A 158 13.15 -3.19 27.43
C LEU A 158 11.83 -2.89 28.11
N VAL A 159 11.55 -1.63 28.35
CA VAL A 159 10.28 -1.27 28.96
C VAL A 159 9.16 -1.69 28.01
N ILE A 160 9.39 -1.48 26.71
CA ILE A 160 8.38 -1.84 25.71
C ILE A 160 8.20 -3.34 25.59
N CYS A 161 9.29 -4.11 25.63
CA CYS A 161 9.14 -5.56 25.52
C CYS A 161 8.44 -6.08 26.76
N GLU A 162 8.62 -5.37 27.87
CA GLU A 162 7.96 -5.76 29.12
C GLU A 162 6.46 -5.59 28.90
N LEU A 163 6.11 -4.48 28.27
CA LEU A 163 4.73 -4.12 27.94
C LEU A 163 4.10 -5.19 27.05
N LEU A 164 4.74 -5.45 25.92
CA LEU A 164 4.27 -6.45 24.97
C LEU A 164 4.12 -7.81 25.64
N GLY A 165 5.05 -8.13 26.52
CA GLY A 165 4.99 -9.40 27.23
C GLY A 165 6.05 -10.42 26.89
N VAL A 166 7.21 -9.98 26.40
CA VAL A 166 8.27 -10.92 26.07
C VAL A 166 8.79 -11.46 27.41
N PRO A 167 9.17 -12.76 27.44
CA PRO A 167 9.67 -13.33 28.69
C PRO A 167 10.98 -12.68 29.13
N TYR A 168 11.15 -12.50 30.43
CA TYR A 168 12.36 -11.89 30.97
C TYR A 168 13.61 -12.59 30.44
N THR A 169 13.48 -13.88 30.20
CA THR A 169 14.58 -14.71 29.71
C THR A 169 14.99 -14.40 28.27
N ASP A 170 14.50 -13.27 27.74
CA ASP A 170 14.83 -12.88 26.37
C ASP A 170 15.27 -11.42 26.23
N HIS A 171 15.18 -10.67 27.32
CA HIS A 171 15.57 -9.26 27.32
C HIS A 171 16.83 -8.99 26.52
N ASP A 172 17.86 -9.80 26.72
CA ASP A 172 19.11 -9.62 25.99
C ASP A 172 18.91 -9.63 24.48
N PHE A 173 18.15 -10.60 23.98
CA PHE A 173 17.90 -10.66 22.54
C PHE A 173 17.16 -9.42 22.09
N PHE A 174 16.04 -9.14 22.74
CA PHE A 174 15.23 -7.97 22.38
C PHE A 174 16.02 -6.68 22.48
N GLN A 175 16.98 -6.63 23.40
CA GLN A 175 17.79 -5.43 23.58
C GLN A 175 18.80 -5.25 22.45
N SER A 176 19.43 -6.34 22.02
CA SER A 176 20.43 -6.27 20.97
C SER A 176 19.86 -5.97 19.58
N ARG A 177 18.73 -6.56 19.23
CA ARG A 177 18.13 -6.32 17.92
C ARG A 177 17.54 -4.92 17.89
N THR A 178 16.83 -4.56 18.96
CA THR A 178 16.22 -3.24 19.07
C THR A 178 17.27 -2.16 18.97
N THR A 179 18.39 -2.36 19.67
CA THR A 179 19.47 -1.39 19.65
C THR A 179 20.10 -1.29 18.27
N MET A 180 20.20 -2.41 17.57
CA MET A 180 20.81 -2.39 16.25
C MET A 180 19.87 -1.75 15.24
N MET A 181 18.56 -1.91 15.43
CA MET A 181 17.58 -1.34 14.53
C MET A 181 17.71 0.18 14.50
N VAL A 182 18.48 0.72 15.43
CA VAL A 182 18.71 2.17 15.50
C VAL A 182 20.21 2.42 15.29
N SER A 183 20.93 1.36 14.90
CA SER A 183 22.36 1.45 14.64
C SER A 183 22.65 2.63 13.73
N ARG A 184 23.80 3.24 13.93
CA ARG A 184 24.21 4.39 13.14
C ARG A 184 24.89 3.95 11.84
N THR A 185 25.52 2.78 11.87
CA THR A 185 26.22 2.26 10.70
C THR A 185 25.63 0.97 10.13
N SER A 186 25.71 0.84 8.81
CA SER A 186 25.22 -0.33 8.08
C SER A 186 23.70 -0.37 7.94
N MET A 187 23.23 -0.10 6.72
CA MET A 187 21.80 -0.12 6.46
C MET A 187 21.34 -1.57 6.43
N GLU A 188 22.30 -2.49 6.46
CA GLU A 188 21.98 -3.90 6.45
C GLU A 188 21.88 -4.45 7.87
N ASP A 189 22.71 -3.93 8.78
CA ASP A 189 22.64 -4.39 10.17
C ASP A 189 21.24 -4.15 10.70
N ARG A 190 20.69 -2.97 10.41
CA ARG A 190 19.35 -2.62 10.86
C ARG A 190 18.37 -3.60 10.22
N ARG A 191 18.45 -3.71 8.90
CA ARG A 191 17.57 -4.60 8.15
C ARG A 191 17.64 -6.01 8.77
N ARG A 192 18.85 -6.45 9.09
CA ARG A 192 19.05 -7.76 9.68
C ARG A 192 18.52 -7.80 11.11
N ALA A 193 18.45 -6.63 11.74
CA ALA A 193 17.95 -6.54 13.10
C ALA A 193 16.44 -6.75 13.07
N PHE A 194 15.72 -5.86 12.38
CA PHE A 194 14.27 -5.97 12.27
C PHE A 194 13.93 -7.41 11.93
N ALA A 195 14.56 -7.91 10.88
CA ALA A 195 14.34 -9.27 10.42
C ALA A 195 14.24 -10.28 11.56
N GLU A 196 15.36 -10.48 12.27
CA GLU A 196 15.40 -11.44 13.37
C GLU A 196 14.32 -11.17 14.42
N LEU A 197 13.93 -9.90 14.58
CA LEU A 197 12.91 -9.55 15.56
C LEU A 197 11.52 -9.92 15.08
N ARG A 198 11.16 -9.45 13.88
CA ARG A 198 9.86 -9.72 13.30
C ARG A 198 9.57 -11.23 13.37
N ALA A 199 10.63 -12.02 13.35
CA ALA A 199 10.52 -13.47 13.43
C ALA A 199 10.19 -13.84 14.88
N TYR A 200 11.00 -13.36 15.81
CA TYR A 200 10.81 -13.62 17.23
C TYR A 200 9.39 -13.24 17.69
N ILE A 201 9.02 -12.00 17.40
CA ILE A 201 7.71 -11.47 17.76
C ILE A 201 6.57 -12.28 17.15
N ASP A 202 6.76 -12.69 15.90
CA ASP A 202 5.76 -13.46 15.18
C ASP A 202 5.47 -14.79 15.87
N ASP A 203 6.52 -15.50 16.25
CA ASP A 203 6.37 -16.78 16.93
C ASP A 203 5.94 -16.58 18.38
N LEU A 204 6.47 -15.55 19.01
CA LEU A 204 6.13 -15.23 20.39
C LEU A 204 4.63 -15.07 20.52
N ILE A 205 4.03 -14.39 19.54
CA ILE A 205 2.58 -14.18 19.51
C ILE A 205 1.86 -15.51 19.35
N THR A 206 2.35 -16.32 18.42
CA THR A 206 1.76 -17.63 18.17
C THR A 206 1.69 -18.42 19.47
N ARG A 207 2.77 -18.36 20.23
CA ARG A 207 2.85 -19.05 21.52
C ARG A 207 1.79 -18.51 22.47
N LYS A 208 1.65 -17.19 22.48
CA LYS A 208 0.70 -16.52 23.34
C LYS A 208 -0.73 -16.95 23.04
N GLU A 209 -1.04 -17.11 21.76
CA GLU A 209 -2.38 -17.52 21.33
C GLU A 209 -2.82 -18.79 22.08
N SER A 210 -1.85 -19.66 22.36
CA SER A 210 -2.10 -20.90 23.10
C SER A 210 -1.32 -20.79 24.41
N GLU A 211 -2.02 -20.39 25.46
CA GLU A 211 -1.47 -20.18 26.80
C GLU A 211 -0.83 -18.79 26.90
N PRO A 212 -1.65 -17.79 27.23
CA PRO A 212 -1.17 -16.40 27.35
C PRO A 212 -0.56 -16.13 28.72
N GLY A 213 -0.60 -14.86 29.11
CA GLY A 213 -0.07 -14.44 30.39
C GLY A 213 -0.66 -13.09 30.74
N ASP A 214 0.10 -12.26 31.43
CA ASP A 214 -0.38 -10.93 31.81
C ASP A 214 0.35 -9.86 31.00
N ASP A 215 0.08 -9.83 29.71
CA ASP A 215 0.70 -8.86 28.82
C ASP A 215 -0.24 -8.32 27.75
N LEU A 216 0.23 -7.34 27.00
CA LEU A 216 -0.55 -6.70 25.95
C LEU A 216 -0.91 -7.68 24.84
N PHE A 217 0.03 -8.52 24.46
CA PHE A 217 -0.20 -9.53 23.43
C PHE A 217 -1.42 -10.36 23.81
N SER A 218 -1.32 -11.03 24.96
CA SER A 218 -2.40 -11.88 25.46
C SER A 218 -3.73 -11.16 25.47
N ARG A 219 -3.77 -9.98 26.08
CA ARG A 219 -5.00 -9.20 26.16
C ARG A 219 -5.56 -8.87 24.78
N GLN A 220 -4.67 -8.62 23.82
CA GLN A 220 -5.11 -8.29 22.47
C GLN A 220 -5.67 -9.51 21.76
N ILE A 221 -4.95 -10.62 21.81
CA ILE A 221 -5.41 -11.85 21.18
C ILE A 221 -6.79 -12.20 21.72
N ALA A 222 -7.01 -11.94 23.01
CA ALA A 222 -8.29 -12.23 23.66
C ALA A 222 -9.43 -11.37 23.13
N ARG A 223 -9.17 -10.08 22.95
CA ARG A 223 -10.20 -9.17 22.46
C ARG A 223 -10.63 -9.52 21.04
N GLN A 224 -9.65 -9.73 20.16
CA GLN A 224 -9.97 -10.06 18.78
C GLN A 224 -10.80 -11.34 18.72
N ARG A 225 -10.46 -12.30 19.56
CA ARG A 225 -11.20 -13.56 19.59
C ARG A 225 -12.63 -13.30 20.06
N GLN A 226 -12.76 -12.72 21.25
CA GLN A 226 -14.07 -12.45 21.81
C GLN A 226 -14.89 -11.49 20.94
N GLU A 227 -14.23 -10.56 20.27
CA GLU A 227 -14.91 -9.59 19.41
C GLU A 227 -15.32 -10.13 18.04
N GLY A 228 -14.39 -10.12 17.09
CA GLY A 228 -14.70 -10.60 15.76
C GLY A 228 -13.87 -11.79 15.33
N THR A 229 -12.60 -11.54 14.99
CA THR A 229 -11.69 -12.60 14.58
C THR A 229 -10.23 -12.15 14.62
N LEU A 230 -9.33 -13.13 14.73
CA LEU A 230 -7.89 -12.89 14.83
C LEU A 230 -7.24 -12.18 13.63
N ASP A 231 -6.14 -11.49 13.92
CA ASP A 231 -5.34 -10.78 12.92
C ASP A 231 -3.89 -10.84 13.36
N HIS A 232 -3.29 -12.02 13.19
CA HIS A 232 -1.89 -12.27 13.55
C HIS A 232 -0.95 -11.18 13.05
N ALA A 233 -1.05 -10.87 11.76
CA ALA A 233 -0.20 -9.85 11.16
C ALA A 233 -0.45 -8.50 11.82
N GLY A 234 -1.71 -8.10 11.88
CA GLY A 234 -2.06 -6.84 12.50
C GLY A 234 -1.43 -6.70 13.87
N LEU A 235 -1.40 -7.80 14.63
CA LEU A 235 -0.81 -7.78 15.96
C LEU A 235 0.71 -7.63 15.88
N VAL A 236 1.32 -8.36 14.95
CA VAL A 236 2.76 -8.28 14.76
C VAL A 236 3.09 -6.85 14.39
N SER A 237 2.20 -6.25 13.60
CA SER A 237 2.36 -4.89 13.14
C SER A 237 2.26 -3.90 14.30
N LEU A 238 1.34 -4.17 15.22
CA LEU A 238 1.15 -3.29 16.37
C LEU A 238 2.42 -3.25 17.20
N ALA A 239 2.98 -4.43 17.47
CA ALA A 239 4.20 -4.53 18.26
C ALA A 239 5.26 -3.59 17.71
N PHE A 240 5.53 -3.69 16.41
CA PHE A 240 6.52 -2.84 15.78
C PHE A 240 6.15 -1.37 15.79
N LEU A 241 4.87 -1.06 15.61
CA LEU A 241 4.45 0.34 15.64
C LEU A 241 4.84 0.93 16.98
N LEU A 242 4.48 0.22 18.04
CA LEU A 242 4.76 0.63 19.40
C LEU A 242 6.26 0.79 19.65
N LEU A 243 7.02 -0.25 19.34
CA LEU A 243 8.48 -0.22 19.53
C LEU A 243 9.05 0.94 18.72
N THR A 244 8.67 1.01 17.46
CA THR A 244 9.14 2.04 16.55
C THR A 244 8.88 3.47 17.01
N ALA A 245 7.63 3.76 17.34
CA ALA A 245 7.27 5.12 17.76
C ALA A 245 7.63 5.46 19.20
N GLY A 246 8.14 4.49 19.95
CA GLY A 246 8.47 4.78 21.33
C GLY A 246 9.87 4.46 21.83
N HIS A 247 10.72 3.88 20.99
CA HIS A 247 12.07 3.55 21.41
C HIS A 247 13.03 4.72 21.30
N GLU A 248 13.33 5.15 20.07
CA GLU A 248 14.26 6.26 19.87
C GLU A 248 13.79 7.58 20.47
N THR A 249 12.52 7.91 20.28
CA THR A 249 11.98 9.14 20.84
C THR A 249 12.28 9.23 22.33
N THR A 250 11.94 8.17 23.06
CA THR A 250 12.18 8.12 24.48
C THR A 250 13.67 8.17 24.76
N ALA A 251 14.43 7.32 24.07
CA ALA A 251 15.88 7.29 24.24
C ALA A 251 16.48 8.68 24.10
N ASN A 252 16.15 9.35 23.00
CA ASN A 252 16.67 10.69 22.76
C ASN A 252 16.21 11.67 23.83
N MET A 253 15.00 11.46 24.34
CA MET A 253 14.47 12.33 25.38
C MET A 253 15.25 12.14 26.68
N ILE A 254 15.71 10.92 26.91
CA ILE A 254 16.49 10.63 28.09
C ILE A 254 17.84 11.33 27.94
N SER A 255 18.45 11.15 26.78
CA SER A 255 19.74 11.76 26.49
C SER A 255 19.66 13.28 26.67
N LEU A 256 18.78 13.91 25.90
CA LEU A 256 18.61 15.36 25.97
C LEU A 256 18.15 15.84 27.34
N GLY A 257 17.41 14.99 28.06
CA GLY A 257 16.93 15.35 29.37
C GLY A 257 18.07 15.56 30.33
N VAL A 258 19.07 14.69 30.25
CA VAL A 258 20.25 14.80 31.11
C VAL A 258 21.03 16.05 30.72
N VAL A 259 21.42 16.13 29.46
CA VAL A 259 22.17 17.28 28.96
C VAL A 259 21.47 18.59 29.33
N GLY A 260 20.15 18.61 29.18
CA GLY A 260 19.40 19.81 29.50
C GLY A 260 19.44 20.13 30.97
N LEU A 261 19.20 19.12 31.79
CA LEU A 261 19.19 19.27 33.24
C LEU A 261 20.58 19.61 33.77
N LEU A 262 21.60 19.01 33.17
CA LEU A 262 23.00 19.23 33.56
C LEU A 262 23.45 20.65 33.22
N SER A 263 23.03 21.15 32.06
CA SER A 263 23.41 22.49 31.61
C SER A 263 22.57 23.56 32.27
N HIS A 264 21.80 23.18 33.28
CA HIS A 264 20.97 24.13 34.00
C HIS A 264 20.88 23.69 35.47
N PRO A 265 22.02 23.77 36.19
CA PRO A 265 22.14 23.39 37.60
C PRO A 265 20.98 23.83 38.49
N GLU A 266 20.62 25.11 38.42
CA GLU A 266 19.54 25.61 39.25
C GLU A 266 18.29 24.76 39.07
N GLN A 267 18.05 24.32 37.85
CA GLN A 267 16.88 23.49 37.55
C GLN A 267 17.09 22.07 38.05
N LEU A 268 18.30 21.55 37.86
CA LEU A 268 18.61 20.19 38.29
C LEU A 268 18.55 20.04 39.81
N THR A 269 18.86 21.10 40.54
CA THR A 269 18.81 21.05 42.01
C THR A 269 17.36 20.91 42.44
N VAL A 270 16.47 21.67 41.81
CA VAL A 270 15.05 21.62 42.13
C VAL A 270 14.55 20.18 42.01
N VAL A 271 14.83 19.56 40.87
CA VAL A 271 14.41 18.18 40.63
C VAL A 271 15.08 17.21 41.59
N LYS A 272 16.38 17.43 41.83
CA LYS A 272 17.13 16.55 42.72
C LYS A 272 16.70 16.73 44.18
N ALA A 273 16.27 17.94 44.53
CA ALA A 273 15.84 18.24 45.89
C ALA A 273 14.46 17.66 46.20
N ASN A 274 13.50 17.94 45.33
CA ASN A 274 12.13 17.46 45.52
C ASN A 274 11.62 16.70 44.29
N PRO A 275 11.73 15.36 44.33
CA PRO A 275 11.30 14.49 43.23
C PRO A 275 9.85 14.68 42.80
N GLY A 276 9.07 15.34 43.65
CA GLY A 276 7.68 15.58 43.33
C GLY A 276 7.57 16.62 42.23
N ARG A 277 8.65 17.36 42.05
CA ARG A 277 8.71 18.42 41.04
C ARG A 277 9.15 17.88 39.69
N THR A 278 9.57 16.62 39.67
CA THR A 278 10.05 15.96 38.46
C THR A 278 9.04 15.89 37.32
N PRO A 279 7.81 15.43 37.59
CA PRO A 279 6.80 15.35 36.53
C PRO A 279 6.68 16.64 35.73
N MET A 280 6.60 17.76 36.43
CA MET A 280 6.47 19.05 35.77
C MET A 280 7.75 19.37 35.00
N ALA A 281 8.88 18.88 35.49
CA ALA A 281 10.17 19.10 34.85
C ALA A 281 10.23 18.34 33.53
N VAL A 282 9.68 17.14 33.54
CA VAL A 282 9.66 16.30 32.34
C VAL A 282 8.86 16.99 31.25
N GLU A 283 7.85 17.76 31.66
CA GLU A 283 7.01 18.48 30.70
C GLU A 283 7.80 19.63 30.08
N GLU A 284 8.55 20.34 30.91
CA GLU A 284 9.35 21.46 30.44
C GLU A 284 10.40 20.95 29.46
N LEU A 285 11.02 19.83 29.82
CA LEU A 285 12.05 19.24 28.96
C LEU A 285 11.47 18.84 27.60
N LEU A 286 10.24 18.35 27.59
CA LEU A 286 9.59 17.95 26.35
C LEU A 286 9.31 19.16 25.47
N ARG A 287 8.88 20.26 26.09
CA ARG A 287 8.61 21.49 25.36
C ARG A 287 9.91 22.06 24.80
N TYR A 288 10.88 22.22 25.70
CA TYR A 288 12.19 22.77 25.38
C TYR A 288 12.84 22.16 24.15
N PHE A 289 12.94 20.84 24.12
CA PHE A 289 13.57 20.17 22.99
C PHE A 289 12.64 19.80 21.84
N THR A 290 11.41 19.39 22.15
CA THR A 290 10.44 19.01 21.12
C THR A 290 11.11 18.25 19.99
N ILE A 291 11.72 17.13 20.33
CA ILE A 291 12.45 16.29 19.37
C ILE A 291 11.67 15.69 18.19
N ALA A 292 10.36 15.94 18.13
CA ALA A 292 9.58 15.39 17.02
C ALA A 292 9.21 16.50 16.04
N ASP A 293 9.73 17.69 16.31
CA ASP A 293 9.51 18.90 15.52
C ASP A 293 8.58 18.81 14.31
N GLY A 294 9.09 18.34 13.18
CA GLY A 294 8.27 18.30 11.97
C GLY A 294 7.72 16.99 11.46
N VAL A 295 7.58 15.99 12.33
CA VAL A 295 7.04 14.71 11.89
C VAL A 295 5.55 14.87 11.62
N THR A 296 4.97 15.98 12.06
CA THR A 296 3.55 16.23 11.86
C THR A 296 3.24 16.91 10.53
N SER A 297 3.49 16.18 9.44
CA SER A 297 3.23 16.68 8.09
C SER A 297 1.80 16.26 7.75
N ARG A 298 1.06 17.11 7.05
CA ARG A 298 -0.32 16.79 6.69
C ARG A 298 -0.62 17.14 5.24
N LEU A 299 -1.73 16.61 4.74
CA LEU A 299 -2.14 16.85 3.36
C LEU A 299 -3.55 17.40 3.33
N ALA A 300 -3.69 18.69 3.02
CA ALA A 300 -5.01 19.33 2.98
C ALA A 300 -5.89 18.70 1.91
N THR A 301 -7.04 18.20 2.32
CA THR A 301 -7.97 17.56 1.39
C THR A 301 -9.08 18.51 0.93
N GLU A 302 -9.07 19.72 1.46
CA GLU A 302 -10.07 20.74 1.11
C GLU A 302 -9.42 22.11 1.15
N ASP A 303 -10.15 23.12 0.68
CA ASP A 303 -9.65 24.48 0.73
C ASP A 303 -9.94 24.92 2.15
N VAL A 304 -8.95 25.52 2.81
CA VAL A 304 -9.15 25.96 4.19
C VAL A 304 -8.54 27.32 4.45
N GLU A 305 -9.29 28.17 5.15
CA GLU A 305 -8.82 29.50 5.51
C GLU A 305 -8.36 29.37 6.95
N ILE A 306 -7.07 29.58 7.19
CA ILE A 306 -6.51 29.44 8.52
C ILE A 306 -5.25 30.30 8.64
N GLY A 307 -5.04 30.87 9.83
CA GLY A 307 -3.87 31.69 10.04
C GLY A 307 -3.83 32.86 9.07
N GLY A 308 -5.01 33.24 8.58
CA GLY A 308 -5.09 34.34 7.65
C GLY A 308 -4.54 33.98 6.28
N VAL A 309 -4.50 32.69 5.99
CA VAL A 309 -4.00 32.21 4.70
C VAL A 309 -4.98 31.21 4.11
N SER A 310 -5.14 31.26 2.80
CA SER A 310 -6.06 30.35 2.13
C SER A 310 -5.32 29.14 1.54
N ILE A 311 -5.40 28.01 2.25
CA ILE A 311 -4.75 26.80 1.79
C ILE A 311 -5.68 26.04 0.86
N LYS A 312 -5.21 25.77 -0.35
CA LYS A 312 -5.99 25.05 -1.34
C LYS A 312 -5.83 23.55 -1.17
N ALA A 313 -6.88 22.79 -1.47
CA ALA A 313 -6.85 21.34 -1.35
C ALA A 313 -5.73 20.75 -2.19
N GLY A 314 -5.17 19.63 -1.71
CA GLY A 314 -4.09 18.98 -2.41
C GLY A 314 -2.71 19.50 -2.03
N GLU A 315 -2.68 20.56 -1.23
CA GLU A 315 -1.41 21.14 -0.81
C GLU A 315 -0.90 20.55 0.50
N GLY A 316 0.42 20.52 0.66
CA GLY A 316 1.01 19.99 1.86
C GLY A 316 1.08 20.99 3.00
N VAL A 317 0.85 20.51 4.21
CA VAL A 317 0.87 21.35 5.40
C VAL A 317 1.81 20.74 6.43
N ILE A 318 2.76 21.51 6.93
CA ILE A 318 3.69 21.00 7.93
C ILE A 318 3.62 21.78 9.22
N VAL A 319 3.23 21.10 10.29
CA VAL A 319 3.14 21.72 11.61
C VAL A 319 4.47 21.57 12.33
N SER A 320 5.07 22.69 12.72
CA SER A 320 6.34 22.68 13.42
C SER A 320 6.11 22.76 14.93
N MET A 321 6.10 21.60 15.58
CA MET A 321 5.88 21.55 17.01
C MET A 321 6.93 22.34 17.80
N LEU A 322 8.19 22.24 17.38
CA LEU A 322 9.26 22.96 18.06
C LEU A 322 8.98 24.46 17.96
N SER A 323 8.45 24.89 16.82
CA SER A 323 8.15 26.30 16.63
C SER A 323 6.99 26.72 17.51
N ALA A 324 6.00 25.84 17.62
CA ALA A 324 4.81 26.12 18.43
C ALA A 324 5.15 26.14 19.91
N ASN A 325 6.07 25.25 20.31
CA ASN A 325 6.47 25.17 21.71
C ASN A 325 7.44 26.26 22.13
N TRP A 326 7.87 27.09 21.17
CA TRP A 326 8.78 28.19 21.49
C TRP A 326 8.08 29.49 21.13
N ASP A 327 6.79 29.38 20.86
CA ASP A 327 5.95 30.52 20.53
C ASP A 327 5.83 31.40 21.78
N PRO A 328 6.45 32.58 21.76
CA PRO A 328 6.40 33.50 22.90
C PRO A 328 4.99 33.93 23.30
N ALA A 329 4.05 33.88 22.36
CA ALA A 329 2.68 34.28 22.64
C ALA A 329 1.95 33.34 23.60
N VAL A 330 2.62 32.25 23.99
CA VAL A 330 2.02 31.29 24.90
C VAL A 330 2.98 30.91 26.02
N PHE A 331 4.27 30.89 25.69
CA PHE A 331 5.30 30.56 26.67
C PHE A 331 6.24 31.73 26.92
N LYS A 332 6.01 32.43 28.03
CA LYS A 332 6.83 33.57 28.42
C LYS A 332 8.29 33.16 28.42
N ASP A 333 9.14 33.94 27.75
CA ASP A 333 10.57 33.63 27.68
C ASP A 333 10.72 32.15 27.31
N PRO A 334 10.30 31.78 26.08
CA PRO A 334 10.40 30.38 25.65
C PRO A 334 11.83 29.82 25.62
N ALA A 335 12.80 30.71 25.56
CA ALA A 335 14.20 30.29 25.50
C ALA A 335 14.80 29.80 26.81
N VAL A 336 14.09 30.00 27.92
CA VAL A 336 14.59 29.57 29.22
C VAL A 336 14.01 28.26 29.73
N LEU A 337 14.90 27.36 30.14
CA LEU A 337 14.54 26.06 30.67
C LEU A 337 14.03 26.29 32.10
N ASP A 338 12.71 26.36 32.26
CA ASP A 338 12.12 26.61 33.57
C ASP A 338 11.18 25.51 34.09
N VAL A 339 11.77 24.54 34.78
CA VAL A 339 11.04 23.40 35.34
C VAL A 339 9.83 23.84 36.17
N GLU A 340 9.88 25.04 36.72
CA GLU A 340 8.81 25.58 37.56
C GLU A 340 7.53 25.94 36.80
N ARG A 341 7.67 26.58 35.65
CA ARG A 341 6.51 26.99 34.87
C ARG A 341 5.46 25.87 34.77
N GLY A 342 4.20 26.24 34.93
CA GLY A 342 3.12 25.27 34.85
C GLY A 342 2.47 25.33 33.48
N ALA A 343 3.17 25.97 32.56
CA ALA A 343 2.70 26.13 31.18
C ALA A 343 2.29 24.81 30.55
N ARG A 344 0.98 24.53 30.54
CA ARG A 344 0.47 23.32 29.93
C ARG A 344 0.48 23.54 28.43
N HIS A 345 -0.44 22.89 27.73
CA HIS A 345 -0.59 23.05 26.28
C HIS A 345 0.64 22.90 25.38
N HIS A 346 1.69 22.20 25.81
CA HIS A 346 2.83 22.05 24.92
C HIS A 346 2.44 21.02 23.85
N LEU A 347 3.14 21.01 22.71
CA LEU A 347 2.79 20.08 21.64
C LEU A 347 3.83 19.02 21.28
N ALA A 348 4.80 18.80 22.16
CA ALA A 348 5.83 17.80 21.90
C ALA A 348 5.23 16.42 21.62
N PHE A 349 4.02 16.18 22.14
CA PHE A 349 3.35 14.91 21.96
C PHE A 349 2.28 15.02 20.88
N GLY A 350 2.21 16.17 20.24
CA GLY A 350 1.21 16.36 19.21
C GLY A 350 -0.09 16.83 19.83
N PHE A 351 -1.14 16.88 19.01
CA PHE A 351 -2.44 17.35 19.47
C PHE A 351 -3.48 16.76 18.51
N GLY A 352 -4.68 16.51 19.02
CA GLY A 352 -5.72 15.96 18.17
C GLY A 352 -5.85 14.45 18.18
N PRO A 353 -6.55 13.88 17.19
CA PRO A 353 -6.78 12.44 17.04
C PRO A 353 -5.54 11.57 17.15
N HIS A 354 -4.43 12.06 16.60
CA HIS A 354 -3.19 11.31 16.60
C HIS A 354 -2.23 11.60 17.75
N GLN A 355 -2.65 12.41 18.71
CA GLN A 355 -1.77 12.72 19.83
C GLN A 355 -1.13 11.42 20.34
N CYS A 356 0.12 11.51 20.76
CA CYS A 356 0.87 10.35 21.21
C CYS A 356 0.11 9.37 22.09
N LEU A 357 0.03 8.13 21.63
CA LEU A 357 -0.67 7.08 22.35
C LEU A 357 0.08 6.67 23.62
N GLY A 358 1.41 6.64 23.55
CA GLY A 358 2.18 6.24 24.71
C GLY A 358 2.82 7.40 25.45
N GLN A 359 2.26 8.59 25.26
CA GLN A 359 2.77 9.80 25.89
C GLN A 359 2.87 9.66 27.41
N ASN A 360 2.00 8.85 28.00
CA ASN A 360 2.03 8.69 29.44
C ASN A 360 3.00 7.61 29.88
N LEU A 361 3.26 6.64 29.01
CA LEU A 361 4.23 5.60 29.35
C LEU A 361 5.58 6.29 29.28
N ALA A 362 5.70 7.23 28.34
CA ALA A 362 6.92 7.99 28.16
C ALA A 362 7.17 8.86 29.39
N ARG A 363 6.14 9.61 29.78
CA ARG A 363 6.27 10.47 30.95
C ARG A 363 6.71 9.67 32.15
N MET A 364 6.17 8.46 32.29
CA MET A 364 6.53 7.60 33.41
C MET A 364 8.00 7.19 33.35
N GLU A 365 8.43 6.72 32.18
CA GLU A 365 9.82 6.30 32.00
C GLU A 365 10.79 7.43 32.36
N LEU A 366 10.62 8.58 31.71
CA LEU A 366 11.48 9.73 31.94
C LEU A 366 11.53 10.10 33.42
N GLN A 367 10.37 10.25 34.02
CA GLN A 367 10.28 10.60 35.43
C GLN A 367 11.09 9.63 36.27
N ILE A 368 10.89 8.33 36.07
CA ILE A 368 11.62 7.32 36.82
C ILE A 368 13.10 7.34 36.51
N VAL A 369 13.44 7.55 35.25
CA VAL A 369 14.84 7.59 34.82
C VAL A 369 15.59 8.77 35.44
N PHE A 370 15.02 9.96 35.35
CA PHE A 370 15.68 11.14 35.90
C PHE A 370 15.85 11.05 37.41
N ASP A 371 14.78 10.70 38.12
CA ASP A 371 14.88 10.58 39.58
C ASP A 371 15.94 9.59 39.99
N THR A 372 15.79 8.35 39.53
CA THR A 372 16.74 7.30 39.87
C THR A 372 18.18 7.65 39.51
N LEU A 373 18.37 8.11 38.27
CA LEU A 373 19.70 8.46 37.77
C LEU A 373 20.45 9.45 38.66
N PHE A 374 19.79 10.55 39.01
CA PHE A 374 20.44 11.56 39.84
C PHE A 374 20.43 11.26 41.34
N ARG A 375 19.60 10.30 41.74
CA ARG A 375 19.55 9.92 43.14
C ARG A 375 20.62 8.87 43.43
N ARG A 376 20.89 8.04 42.43
CA ARG A 376 21.90 7.00 42.59
C ARG A 376 23.29 7.48 42.17
N ILE A 377 23.33 8.46 41.27
CA ILE A 377 24.60 9.02 40.80
C ILE A 377 24.47 10.54 40.79
N PRO A 378 24.36 11.15 41.98
CA PRO A 378 24.21 12.59 42.18
C PRO A 378 25.30 13.48 41.59
N SER A 379 26.55 13.01 41.62
CA SER A 379 27.67 13.79 41.09
C SER A 379 27.91 13.55 39.61
N LEU A 380 26.92 12.99 38.92
CA LEU A 380 27.05 12.72 37.49
C LEU A 380 27.30 14.01 36.71
N ARG A 381 28.31 13.98 35.84
CA ARG A 381 28.63 15.14 35.01
C ARG A 381 29.12 14.67 33.64
N LEU A 382 29.24 15.61 32.72
CA LEU A 382 29.70 15.31 31.37
C LEU A 382 31.20 15.07 31.34
N ALA A 383 31.61 13.96 30.76
CA ALA A 383 33.02 13.59 30.67
C ALA A 383 33.78 14.42 29.65
N VAL A 384 33.06 15.20 28.85
CA VAL A 384 33.68 16.05 27.83
C VAL A 384 32.98 17.40 27.82
N PRO A 385 33.60 18.42 27.20
CA PRO A 385 32.96 19.74 27.16
C PRO A 385 31.70 19.67 26.31
N MET A 386 30.76 20.59 26.54
CA MET A 386 29.51 20.60 25.80
C MET A 386 29.68 20.54 24.28
N GLU A 387 30.49 21.45 23.74
CA GLU A 387 30.72 21.51 22.30
C GLU A 387 31.19 20.20 21.67
N ASP A 388 31.65 19.25 22.49
CA ASP A 388 32.13 17.98 21.97
C ASP A 388 31.06 16.90 21.84
N VAL A 389 29.93 17.09 22.52
CA VAL A 389 28.85 16.11 22.46
C VAL A 389 28.18 16.15 21.09
N PRO A 390 28.22 15.03 20.35
CA PRO A 390 27.62 14.90 19.02
C PRO A 390 26.10 14.75 19.01
N PHE A 391 25.38 15.83 18.71
CA PHE A 391 23.92 15.79 18.66
C PHE A 391 23.42 15.27 17.31
N LYS A 392 22.28 14.60 17.31
CA LYS A 392 21.69 14.06 16.10
C LYS A 392 20.92 15.16 15.37
N GLY A 393 21.49 16.36 15.37
CA GLY A 393 20.86 17.51 14.72
C GLY A 393 20.47 17.39 13.26
N ASP A 394 20.87 16.31 12.60
CA ASP A 394 20.53 16.14 11.20
C ASP A 394 19.54 14.98 11.04
N SER A 395 18.94 14.59 12.16
CA SER A 395 17.98 13.49 12.17
C SER A 395 16.56 14.03 12.30
N VAL A 396 15.59 13.25 11.80
CA VAL A 396 14.19 13.64 11.86
C VAL A 396 13.80 13.93 13.30
N ILE A 397 14.23 13.04 14.20
CA ILE A 397 13.96 13.17 15.62
C ILE A 397 15.24 13.56 16.33
N TYR A 398 15.23 14.76 16.93
CA TYR A 398 16.41 15.27 17.63
C TYR A 398 16.85 14.38 18.78
N GLY A 399 18.15 14.44 19.08
CA GLY A 399 18.71 13.65 20.16
C GLY A 399 20.23 13.80 20.16
N VAL A 400 20.93 12.81 20.70
CA VAL A 400 22.39 12.85 20.75
C VAL A 400 22.99 11.47 20.51
N HIS A 401 23.91 11.40 19.56
CA HIS A 401 24.58 10.16 19.18
C HIS A 401 25.25 9.43 20.33
N GLU A 402 26.02 10.16 21.13
CA GLU A 402 26.74 9.58 22.26
C GLU A 402 27.01 10.65 23.31
N LEU A 403 26.82 10.31 24.57
CA LEU A 403 27.03 11.26 25.65
C LEU A 403 27.95 10.75 26.75
N PRO A 404 29.26 11.04 26.67
CA PRO A 404 30.22 10.59 27.68
C PRO A 404 29.93 11.25 29.04
N VAL A 405 30.01 10.46 30.11
CA VAL A 405 29.76 10.99 31.45
C VAL A 405 30.62 10.31 32.51
N THR A 406 30.57 10.87 33.72
CA THR A 406 31.32 10.34 34.87
C THR A 406 30.75 10.89 36.17
N TRP A 407 31.32 10.42 37.27
CA TRP A 407 30.92 10.85 38.60
C TRP A 407 32.10 10.65 39.55
N HIS A 408 31.94 11.10 40.79
CA HIS A 408 33.02 10.98 41.74
C HIS A 408 32.94 9.71 42.61
N HIS A 409 33.97 8.86 42.46
CA HIS A 409 34.08 7.62 43.25
C HIS A 409 34.74 8.07 44.55
N HIS A 410 34.03 7.90 45.67
CA HIS A 410 34.55 8.35 46.95
C HIS A 410 34.98 7.28 47.94
N HIS A 411 35.30 7.74 49.15
CA HIS A 411 35.73 6.89 50.26
C HIS A 411 35.33 7.57 51.56
N HIS A 412 35.26 6.79 52.64
CA HIS A 412 34.88 7.33 53.94
C HIS A 412 36.04 7.39 54.92
N LEU B 9 -14.69 21.17 -32.67
CA LEU B 9 -15.64 20.80 -31.56
C LEU B 9 -14.90 20.00 -30.49
N ALA B 10 -15.70 19.19 -29.80
CA ALA B 10 -15.32 18.26 -28.72
C ALA B 10 -14.84 18.78 -27.36
N GLY B 11 -15.82 19.16 -26.54
CA GLY B 11 -15.58 19.60 -25.16
C GLY B 11 -15.99 18.27 -24.57
N LEU B 12 -15.25 17.25 -24.98
CA LEU B 12 -15.50 15.85 -24.55
C LEU B 12 -14.77 15.42 -23.28
N GLU B 13 -15.39 14.53 -22.52
CA GLU B 13 -14.82 14.03 -21.27
C GLU B 13 -14.60 12.53 -21.45
N LEU B 14 -13.41 12.06 -21.13
CA LEU B 14 -13.11 10.64 -21.25
C LEU B 14 -13.10 10.00 -19.87
N PRO B 15 -13.47 8.71 -19.78
CA PRO B 15 -13.88 7.83 -20.87
C PRO B 15 -15.28 8.07 -21.44
N VAL B 16 -15.52 7.45 -22.59
CA VAL B 16 -16.81 7.53 -23.27
C VAL B 16 -17.34 6.11 -23.35
N GLU B 17 -18.63 5.94 -23.14
CA GLU B 17 -19.24 4.61 -23.19
C GLU B 17 -19.21 3.98 -24.56
N ARG B 18 -18.99 2.67 -24.58
CA ARG B 18 -18.98 1.88 -25.80
C ARG B 18 -20.47 1.69 -26.11
N GLY B 19 -20.99 2.48 -27.04
CA GLY B 19 -22.40 2.39 -27.37
C GLY B 19 -22.83 1.32 -28.36
N CYS B 20 -21.96 1.01 -29.31
CA CYS B 20 -22.27 0.00 -30.30
C CYS B 20 -21.15 -1.04 -30.28
N PRO B 21 -21.52 -2.33 -30.23
CA PRO B 21 -20.53 -3.40 -30.20
C PRO B 21 -19.89 -3.74 -31.56
N PHE B 22 -20.25 -2.97 -32.58
CA PHE B 22 -19.72 -3.21 -33.91
C PHE B 22 -18.96 -2.00 -34.44
N ALA B 23 -18.65 -1.08 -33.53
CA ALA B 23 -17.92 0.14 -33.85
C ALA B 23 -17.62 0.89 -32.56
N PRO B 24 -16.35 1.30 -32.36
CA PRO B 24 -16.00 2.02 -31.14
C PRO B 24 -16.57 3.44 -31.14
N PRO B 25 -16.61 4.09 -29.96
CA PRO B 25 -17.14 5.45 -29.82
C PRO B 25 -16.70 6.35 -30.97
N ALA B 26 -17.67 7.04 -31.59
CA ALA B 26 -17.38 7.93 -32.70
C ALA B 26 -16.25 8.89 -32.33
N ALA B 27 -16.27 9.35 -31.09
CA ALA B 27 -15.26 10.27 -30.59
C ALA B 27 -13.86 9.71 -30.82
N TYR B 28 -13.70 8.41 -30.61
CA TYR B 28 -12.40 7.77 -30.79
C TYR B 28 -11.80 8.03 -32.16
N GLU B 29 -12.55 7.72 -33.22
CA GLU B 29 -12.05 7.94 -34.57
C GLU B 29 -11.73 9.41 -34.81
N ARG B 30 -12.64 10.28 -34.39
CA ARG B 30 -12.47 11.72 -34.57
C ARG B 30 -11.16 12.16 -33.94
N LEU B 31 -10.79 11.55 -32.83
CA LEU B 31 -9.55 11.88 -32.14
C LEU B 31 -8.33 11.39 -32.90
N ARG B 32 -8.40 10.17 -33.44
CA ARG B 32 -7.28 9.64 -34.19
C ARG B 32 -7.05 10.51 -35.42
N GLU B 33 -8.15 10.90 -36.05
CA GLU B 33 -8.08 11.73 -37.24
C GLU B 33 -7.32 13.01 -36.98
N ARG B 34 -7.39 13.50 -35.75
CA ARG B 34 -6.69 14.73 -35.37
C ARG B 34 -5.20 14.51 -35.21
N ALA B 35 -4.84 13.48 -34.44
CA ALA B 35 -3.44 13.17 -34.20
C ALA B 35 -3.31 11.84 -33.49
N PRO B 36 -2.07 11.29 -33.44
CA PRO B 36 -1.80 10.01 -32.78
C PRO B 36 -2.01 10.13 -31.27
N ILE B 37 -1.66 11.30 -30.74
CA ILE B 37 -1.79 11.57 -29.31
C ILE B 37 -2.53 12.89 -29.10
N ASN B 38 -3.49 12.88 -28.19
CA ASN B 38 -4.27 14.08 -27.89
C ASN B 38 -4.43 14.27 -26.39
N LYS B 39 -4.40 15.53 -25.95
CA LYS B 39 -4.58 15.81 -24.54
C LYS B 39 -6.10 15.83 -24.33
N VAL B 40 -6.58 15.04 -23.39
CA VAL B 40 -8.02 14.97 -23.14
C VAL B 40 -8.41 15.28 -21.71
N ARG B 41 -9.69 15.52 -21.49
CA ARG B 41 -10.21 15.82 -20.17
C ARG B 41 -10.70 14.50 -19.58
N LEU B 42 -10.51 14.32 -18.27
CA LEU B 42 -10.94 13.11 -17.60
C LEU B 42 -12.14 13.34 -16.72
N THR B 43 -13.16 12.50 -16.91
CA THR B 43 -14.39 12.60 -16.12
C THR B 43 -14.00 12.67 -14.64
N SER B 44 -13.03 11.86 -14.25
CA SER B 44 -12.55 11.82 -12.87
C SER B 44 -12.07 13.19 -12.42
N GLY B 45 -11.93 14.11 -13.38
CA GLY B 45 -11.49 15.45 -13.06
C GLY B 45 -10.12 15.86 -13.58
N GLY B 46 -9.23 14.89 -13.72
CA GLY B 46 -7.90 15.20 -14.21
C GLY B 46 -7.81 15.62 -15.67
N GLN B 47 -6.69 15.26 -16.28
CA GLN B 47 -6.41 15.57 -17.66
C GLN B 47 -5.22 14.68 -18.01
N ALA B 48 -5.19 14.13 -19.22
CA ALA B 48 -4.07 13.26 -19.60
C ALA B 48 -3.99 13.04 -21.10
N TRP B 49 -2.87 12.44 -21.52
CA TRP B 49 -2.63 12.14 -22.92
C TRP B 49 -3.36 10.89 -23.33
N TRP B 50 -4.00 10.95 -24.49
CA TRP B 50 -4.77 9.82 -25.02
C TRP B 50 -4.17 9.38 -26.35
N VAL B 51 -3.55 8.20 -26.34
CA VAL B 51 -2.93 7.66 -27.53
C VAL B 51 -3.96 6.92 -28.37
N SER B 52 -4.12 7.38 -29.62
CA SER B 52 -5.07 6.77 -30.53
C SER B 52 -4.38 6.00 -31.64
N GLY B 53 -3.17 6.44 -32.00
CA GLY B 53 -2.43 5.78 -33.06
C GLY B 53 -1.84 4.43 -32.65
N HIS B 54 -1.90 3.46 -33.56
CA HIS B 54 -1.37 2.12 -33.30
C HIS B 54 0.14 2.11 -33.06
N GLU B 55 0.87 2.82 -33.90
CA GLU B 55 2.32 2.86 -33.75
C GLU B 55 2.66 3.44 -32.40
N GLU B 56 2.01 4.55 -32.05
CA GLU B 56 2.24 5.21 -30.78
C GLU B 56 1.83 4.33 -29.60
N ALA B 57 0.78 3.54 -29.81
CA ALA B 57 0.29 2.65 -28.76
C ALA B 57 1.42 1.71 -28.37
N ARG B 58 2.00 1.06 -29.37
CA ARG B 58 3.12 0.14 -29.15
C ARG B 58 4.23 0.92 -28.47
N ALA B 59 4.58 2.05 -29.06
CA ALA B 59 5.65 2.90 -28.56
C ALA B 59 5.63 3.09 -27.04
N VAL B 60 4.54 3.65 -26.51
CA VAL B 60 4.49 3.89 -25.07
C VAL B 60 4.40 2.59 -24.28
N LEU B 61 3.59 1.64 -24.75
CA LEU B 61 3.45 0.38 -24.05
C LEU B 61 4.76 -0.38 -23.91
N ALA B 62 5.73 -0.04 -24.74
CA ALA B 62 7.03 -0.70 -24.70
C ALA B 62 8.07 0.15 -24.01
N ASP B 63 7.79 1.46 -23.92
CA ASP B 63 8.72 2.38 -23.30
C ASP B 63 8.58 2.41 -21.78
N GLY B 64 9.61 1.94 -21.10
CA GLY B 64 9.60 1.90 -19.65
C GLY B 64 9.47 3.24 -18.96
N ARG B 65 9.64 4.32 -19.70
CA ARG B 65 9.53 5.64 -19.12
C ARG B 65 8.08 5.97 -18.76
N PHE B 66 7.16 5.18 -19.28
CA PHE B 66 5.74 5.38 -18.97
C PHE B 66 5.40 4.30 -17.96
N SER B 67 5.58 4.63 -16.67
CA SER B 67 5.35 3.72 -15.56
C SER B 67 3.94 3.17 -15.39
N SER B 68 3.87 2.01 -14.75
CA SER B 68 2.61 1.33 -14.50
C SER B 68 2.40 1.24 -12.98
N ASP B 69 3.33 1.84 -12.23
CA ASP B 69 3.29 1.83 -10.77
C ASP B 69 2.26 2.79 -10.18
N LYS B 70 1.22 2.23 -9.58
CA LYS B 70 0.15 3.02 -8.98
C LYS B 70 0.60 3.75 -7.72
N ARG B 71 1.78 3.40 -7.22
CA ARG B 71 2.31 4.02 -6.01
C ARG B 71 2.82 5.43 -6.27
N LYS B 72 2.92 5.81 -7.55
CA LYS B 72 3.44 7.13 -7.90
C LYS B 72 2.37 8.22 -7.92
N ASP B 73 2.70 9.36 -7.33
CA ASP B 73 1.78 10.48 -7.32
C ASP B 73 1.52 10.88 -8.76
N GLY B 74 0.25 11.13 -9.06
CA GLY B 74 -0.10 11.54 -10.40
C GLY B 74 -0.65 10.45 -11.29
N PHE B 75 -0.58 9.19 -10.83
CA PHE B 75 -1.10 8.12 -11.66
C PHE B 75 -2.54 8.46 -12.03
N PRO B 76 -2.86 8.44 -13.34
CA PRO B 76 -4.21 8.77 -13.79
C PRO B 76 -5.34 7.94 -13.20
N LEU B 77 -6.46 8.60 -12.95
CA LEU B 77 -7.65 7.96 -12.41
C LEU B 77 -8.62 7.78 -13.57
N PHE B 78 -8.24 6.94 -14.53
CA PHE B 78 -9.06 6.68 -15.70
C PHE B 78 -10.09 5.58 -15.42
N THR B 79 -9.62 4.37 -15.16
CA THR B 79 -10.51 3.25 -14.86
C THR B 79 -10.51 3.00 -13.36
N LEU B 80 -9.55 3.61 -12.67
CA LEU B 80 -9.43 3.47 -11.23
C LEU B 80 -10.26 4.49 -10.46
N ASP B 81 -10.79 4.05 -9.32
CA ASP B 81 -11.58 4.93 -8.46
C ASP B 81 -10.56 5.60 -7.55
N ALA B 82 -11.03 6.43 -6.64
CA ALA B 82 -10.13 7.07 -5.70
C ALA B 82 -9.91 5.99 -4.66
N ALA B 83 -10.99 5.29 -4.37
CA ALA B 83 -11.00 4.20 -3.39
C ALA B 83 -10.19 3.01 -3.90
N THR B 84 -10.33 2.73 -5.20
CA THR B 84 -9.60 1.62 -5.79
C THR B 84 -8.10 1.93 -5.82
N LEU B 85 -7.77 3.20 -6.03
CA LEU B 85 -6.38 3.62 -6.07
C LEU B 85 -5.85 3.52 -4.65
N GLN B 86 -6.68 3.89 -3.68
CA GLN B 86 -6.29 3.82 -2.27
C GLN B 86 -6.01 2.38 -1.87
N GLN B 87 -6.88 1.48 -2.31
CA GLN B 87 -6.74 0.06 -2.02
C GLN B 87 -5.38 -0.43 -2.49
N LEU B 88 -5.05 -0.15 -3.74
CA LEU B 88 -3.78 -0.57 -4.33
C LEU B 88 -2.57 -0.07 -3.54
N ARG B 89 -2.71 1.10 -2.92
CA ARG B 89 -1.62 1.68 -2.13
C ARG B 89 -1.70 1.24 -0.68
N SER B 90 -2.46 0.18 -0.43
CA SER B 90 -2.63 -0.34 0.92
C SER B 90 -2.22 -1.80 0.98
N GLN B 91 -1.47 -2.23 -0.04
CA GLN B 91 -1.02 -3.61 -0.14
C GLN B 91 0.20 -3.68 -1.05
N PRO B 92 0.86 -4.85 -1.14
CA PRO B 92 2.02 -4.94 -2.02
C PRO B 92 1.59 -4.65 -3.45
N PRO B 93 2.52 -4.19 -4.30
CA PRO B 93 2.12 -3.91 -5.68
C PRO B 93 1.81 -5.19 -6.46
N LEU B 94 0.91 -5.09 -7.42
CA LEU B 94 0.55 -6.24 -8.23
C LEU B 94 1.55 -6.25 -9.39
N MET B 95 1.71 -7.40 -10.02
CA MET B 95 2.63 -7.52 -11.15
C MET B 95 2.24 -6.45 -12.16
N LEU B 96 0.92 -6.26 -12.29
CA LEU B 96 0.31 -5.31 -13.19
C LEU B 96 0.64 -3.88 -12.76
N GLY B 97 1.28 -3.74 -11.62
CA GLY B 97 1.63 -2.42 -11.11
C GLY B 97 3.08 -2.16 -10.74
N MET B 98 4.01 -2.94 -11.29
CA MET B 98 5.42 -2.72 -10.99
C MET B 98 6.25 -2.50 -12.27
N ASP B 99 7.43 -1.90 -12.10
CA ASP B 99 8.30 -1.60 -13.23
C ASP B 99 9.57 -2.43 -13.28
N GLY B 100 10.30 -2.27 -14.39
CA GLY B 100 11.56 -2.96 -14.63
C GLY B 100 11.94 -4.15 -13.78
N ALA B 101 13.07 -4.02 -13.10
CA ALA B 101 13.62 -5.07 -12.25
C ALA B 101 12.57 -5.76 -11.40
N GLU B 102 11.88 -4.97 -10.58
CA GLU B 102 10.84 -5.49 -9.70
C GLU B 102 9.83 -6.34 -10.46
N HIS B 103 9.38 -5.81 -11.61
CA HIS B 103 8.40 -6.50 -12.44
C HIS B 103 8.95 -7.83 -12.94
N SER B 104 10.02 -7.77 -13.73
CA SER B 104 10.64 -8.98 -14.28
C SER B 104 10.76 -10.03 -13.18
N ALA B 105 11.25 -9.61 -12.02
CA ALA B 105 11.42 -10.51 -10.89
C ALA B 105 10.13 -11.24 -10.56
N ALA B 106 9.02 -10.54 -10.72
CA ALA B 106 7.69 -11.10 -10.42
C ALA B 106 7.10 -11.92 -11.55
N ARG B 107 7.54 -11.66 -12.77
CA ARG B 107 7.00 -12.38 -13.93
C ARG B 107 7.83 -13.61 -14.31
N ARG B 108 9.15 -13.50 -14.24
CA ARG B 108 10.03 -14.62 -14.57
C ARG B 108 9.56 -15.96 -13.99
N PRO B 109 9.42 -16.04 -12.67
CA PRO B 109 8.99 -17.27 -12.02
C PRO B 109 7.62 -17.83 -12.42
N VAL B 110 6.89 -17.12 -13.28
CA VAL B 110 5.58 -17.60 -13.67
C VAL B 110 5.41 -17.79 -15.18
N ILE B 111 6.34 -17.26 -15.96
CA ILE B 111 6.29 -17.37 -17.42
C ILE B 111 6.17 -18.83 -17.89
N GLY B 112 6.86 -19.72 -17.19
CA GLY B 112 6.84 -21.13 -17.56
C GLY B 112 5.49 -21.81 -17.52
N GLU B 113 4.58 -21.29 -16.70
CA GLU B 113 3.24 -21.87 -16.57
C GLU B 113 2.39 -21.68 -17.83
N PHE B 114 2.93 -20.97 -18.82
CA PHE B 114 2.19 -20.70 -20.05
C PHE B 114 2.86 -21.09 -21.36
N THR B 115 3.90 -21.91 -21.28
CA THR B 115 4.61 -22.34 -22.48
C THR B 115 3.72 -23.21 -23.36
N VAL B 116 4.17 -23.50 -24.57
CA VAL B 116 3.41 -24.32 -25.49
C VAL B 116 3.13 -25.69 -24.89
N LYS B 117 4.20 -26.33 -24.41
CA LYS B 117 4.08 -27.64 -23.78
C LYS B 117 3.12 -27.55 -22.61
N ARG B 118 3.45 -26.67 -21.67
CA ARG B 118 2.66 -26.45 -20.47
C ARG B 118 1.17 -26.39 -20.81
N LEU B 119 0.82 -25.50 -21.73
CA LEU B 119 -0.57 -25.32 -22.14
C LEU B 119 -1.08 -26.51 -22.95
N ALA B 120 -0.17 -27.21 -23.62
CA ALA B 120 -0.55 -28.36 -24.41
C ALA B 120 -1.15 -29.44 -23.51
N ALA B 121 -0.47 -29.75 -22.42
CA ALA B 121 -0.95 -30.75 -21.49
C ALA B 121 -2.30 -30.33 -20.90
N LEU B 122 -2.53 -29.03 -20.85
CA LEU B 122 -3.75 -28.48 -20.28
C LEU B 122 -4.96 -28.55 -21.23
N ARG B 123 -4.71 -28.57 -22.53
CA ARG B 123 -5.79 -28.63 -23.52
C ARG B 123 -6.88 -29.65 -23.20
N PRO B 124 -6.51 -30.92 -22.98
CA PRO B 124 -7.49 -31.97 -22.67
C PRO B 124 -8.45 -31.52 -21.60
N ARG B 125 -7.90 -31.11 -20.47
CA ARG B 125 -8.69 -30.64 -19.33
C ARG B 125 -9.69 -29.57 -19.79
N ILE B 126 -9.19 -28.63 -20.61
CA ILE B 126 -10.03 -27.54 -21.12
C ILE B 126 -11.17 -28.10 -21.96
N GLN B 127 -10.87 -29.02 -22.87
CA GLN B 127 -11.89 -29.63 -23.72
C GLN B 127 -12.97 -30.29 -22.88
N ASP B 128 -12.56 -31.11 -21.92
CA ASP B 128 -13.50 -31.78 -21.03
C ASP B 128 -14.46 -30.78 -20.41
N ILE B 129 -13.91 -29.70 -19.87
CA ILE B 129 -14.72 -28.66 -19.23
C ILE B 129 -15.76 -28.09 -20.18
N VAL B 130 -15.33 -27.69 -21.37
CA VAL B 130 -16.25 -27.11 -22.35
C VAL B 130 -17.31 -28.14 -22.74
N ASP B 131 -16.86 -29.36 -23.02
CA ASP B 131 -17.76 -30.44 -23.39
C ASP B 131 -18.87 -30.56 -22.37
N HIS B 132 -18.50 -30.59 -21.10
CA HIS B 132 -19.47 -30.71 -20.01
C HIS B 132 -20.58 -29.68 -20.10
N PHE B 133 -20.20 -28.41 -19.98
CA PHE B 133 -21.18 -27.34 -20.02
C PHE B 133 -21.96 -27.27 -21.32
N ILE B 134 -21.33 -27.67 -22.42
CA ILE B 134 -22.03 -27.68 -23.70
C ILE B 134 -23.14 -28.71 -23.57
N ASP B 135 -22.86 -29.79 -22.84
CA ASP B 135 -23.85 -30.82 -22.63
C ASP B 135 -24.94 -30.32 -21.70
N ASP B 136 -24.55 -29.71 -20.58
CA ASP B 136 -25.53 -29.18 -19.65
C ASP B 136 -26.51 -28.30 -20.42
N MET B 137 -26.02 -27.67 -21.49
CA MET B 137 -26.86 -26.81 -22.34
C MET B 137 -27.83 -27.65 -23.14
N LEU B 138 -27.29 -28.65 -23.83
CA LEU B 138 -28.12 -29.54 -24.65
C LEU B 138 -29.03 -30.41 -23.80
N ALA B 139 -29.38 -29.94 -22.61
CA ALA B 139 -30.24 -30.71 -21.73
C ALA B 139 -31.04 -29.81 -20.79
N THR B 140 -30.98 -28.50 -21.02
CA THR B 140 -31.70 -27.55 -20.17
C THR B 140 -33.20 -27.54 -20.43
N ASP B 141 -33.94 -27.30 -19.37
CA ASP B 141 -35.40 -27.25 -19.43
C ASP B 141 -35.82 -25.79 -19.59
N GLN B 142 -35.08 -25.06 -20.42
CA GLN B 142 -35.37 -23.65 -20.65
C GLN B 142 -35.56 -23.36 -22.12
N ARG B 143 -36.53 -22.50 -22.44
CA ARG B 143 -36.76 -22.14 -23.83
C ARG B 143 -35.52 -21.35 -24.26
N PRO B 144 -35.27 -20.18 -23.64
CA PRO B 144 -34.08 -19.43 -24.03
C PRO B 144 -33.00 -19.73 -22.98
N VAL B 145 -31.74 -19.81 -23.40
CA VAL B 145 -30.67 -20.11 -22.46
C VAL B 145 -29.67 -18.96 -22.45
N ASP B 146 -29.23 -18.55 -21.26
CA ASP B 146 -28.28 -17.47 -21.13
C ASP B 146 -26.86 -17.98 -21.31
N LEU B 147 -26.35 -17.83 -22.54
CA LEU B 147 -25.02 -18.29 -22.89
C LEU B 147 -23.94 -17.80 -21.93
N VAL B 148 -24.22 -16.69 -21.24
CA VAL B 148 -23.26 -16.13 -20.29
C VAL B 148 -23.18 -16.94 -18.99
N GLN B 149 -24.31 -17.52 -18.59
CA GLN B 149 -24.38 -18.31 -17.37
C GLN B 149 -24.12 -19.79 -17.64
N ALA B 150 -24.27 -20.19 -18.90
CA ALA B 150 -24.05 -21.57 -19.29
C ALA B 150 -22.61 -21.82 -19.73
N LEU B 151 -22.05 -20.88 -20.49
CA LEU B 151 -20.68 -20.99 -20.99
C LEU B 151 -19.76 -19.91 -20.47
N SER B 152 -19.94 -18.72 -21.02
CA SER B 152 -19.13 -17.54 -20.70
C SER B 152 -18.48 -17.53 -19.33
N LEU B 153 -19.27 -17.65 -18.27
CA LEU B 153 -18.74 -17.60 -16.92
C LEU B 153 -18.10 -18.86 -16.33
N PRO B 154 -18.82 -19.98 -16.32
CA PRO B 154 -18.26 -21.21 -15.75
C PRO B 154 -16.98 -21.77 -16.37
N VAL B 155 -16.83 -21.68 -17.68
CA VAL B 155 -15.64 -22.22 -18.35
C VAL B 155 -14.30 -21.61 -17.94
N PRO B 156 -14.12 -20.29 -18.14
CA PRO B 156 -12.85 -19.63 -17.79
C PRO B 156 -12.43 -19.83 -16.34
N SER B 157 -13.39 -19.75 -15.42
CA SER B 157 -13.10 -19.92 -14.01
C SER B 157 -12.63 -21.33 -13.69
N LEU B 158 -13.31 -22.32 -14.25
CA LEU B 158 -12.94 -23.71 -14.02
C LEU B 158 -11.62 -24.06 -14.68
N VAL B 159 -11.37 -23.50 -15.86
CA VAL B 159 -10.11 -23.77 -16.55
C VAL B 159 -8.96 -23.29 -15.66
N ILE B 160 -9.13 -22.12 -15.05
CA ILE B 160 -8.09 -21.58 -14.18
C ILE B 160 -7.92 -22.42 -12.92
N CYS B 161 -9.02 -22.86 -12.32
CA CYS B 161 -8.93 -23.68 -11.11
C CYS B 161 -8.16 -24.94 -11.47
N GLU B 162 -8.38 -25.41 -12.69
CA GLU B 162 -7.71 -26.61 -13.18
C GLU B 162 -6.21 -26.34 -13.22
N LEU B 163 -5.83 -25.18 -13.74
CA LEU B 163 -4.43 -24.80 -13.84
C LEU B 163 -3.79 -24.69 -12.45
N LEU B 164 -4.45 -23.95 -11.56
CA LEU B 164 -3.96 -23.78 -10.20
C LEU B 164 -3.76 -25.14 -9.54
N GLY B 165 -4.70 -26.06 -9.81
CA GLY B 165 -4.59 -27.39 -9.25
C GLY B 165 -5.63 -27.75 -8.21
N VAL B 166 -6.78 -27.08 -8.23
CA VAL B 166 -7.82 -27.39 -7.25
C VAL B 166 -8.34 -28.78 -7.59
N PRO B 167 -8.68 -29.58 -6.57
CA PRO B 167 -9.19 -30.93 -6.82
C PRO B 167 -10.53 -30.90 -7.56
N TYR B 168 -10.71 -31.85 -8.47
CA TYR B 168 -11.94 -31.93 -9.26
C TYR B 168 -13.21 -31.88 -8.40
N THR B 169 -13.14 -32.51 -7.23
CA THR B 169 -14.30 -32.54 -6.33
C THR B 169 -14.57 -31.22 -5.61
N ASP B 170 -14.14 -30.11 -6.21
CA ASP B 170 -14.36 -28.80 -5.62
C ASP B 170 -14.85 -27.81 -6.68
N HIS B 171 -14.82 -28.22 -7.95
CA HIS B 171 -15.25 -27.36 -9.05
C HIS B 171 -16.50 -26.56 -8.74
N ASP B 172 -17.54 -27.23 -8.25
CA ASP B 172 -18.79 -26.55 -7.91
C ASP B 172 -18.54 -25.37 -6.97
N PHE B 173 -17.74 -25.61 -5.95
CA PHE B 173 -17.41 -24.57 -4.98
C PHE B 173 -16.70 -23.43 -5.69
N PHE B 174 -15.59 -23.75 -6.35
CA PHE B 174 -14.80 -22.77 -7.08
C PHE B 174 -15.63 -22.01 -8.10
N GLN B 175 -16.59 -22.69 -8.72
CA GLN B 175 -17.44 -22.09 -9.72
C GLN B 175 -18.43 -21.09 -9.14
N SER B 176 -18.99 -21.42 -7.98
CA SER B 176 -19.97 -20.57 -7.32
C SER B 176 -19.39 -19.26 -6.80
N ARG B 177 -18.24 -19.35 -6.13
CA ARG B 177 -17.58 -18.17 -5.58
C ARG B 177 -17.09 -17.26 -6.69
N THR B 178 -16.37 -17.84 -7.65
CA THR B 178 -15.84 -17.08 -8.77
C THR B 178 -16.96 -16.39 -9.53
N THR B 179 -18.06 -17.11 -9.73
CA THR B 179 -19.20 -16.54 -10.43
C THR B 179 -19.77 -15.37 -9.63
N MET B 180 -19.79 -15.52 -8.31
CA MET B 180 -20.29 -14.48 -7.41
C MET B 180 -19.40 -13.24 -7.43
N MET B 181 -18.09 -13.45 -7.43
CA MET B 181 -17.14 -12.35 -7.44
C MET B 181 -17.35 -11.44 -8.64
N VAL B 182 -18.16 -11.88 -9.59
CA VAL B 182 -18.44 -11.11 -10.78
C VAL B 182 -19.93 -10.76 -10.83
N SER B 183 -20.64 -11.07 -9.76
CA SER B 183 -22.07 -10.78 -9.68
C SER B 183 -22.32 -9.31 -10.00
N ARG B 184 -23.52 -8.99 -10.47
CA ARG B 184 -23.85 -7.62 -10.80
C ARG B 184 -24.52 -6.88 -9.63
N THR B 185 -24.71 -7.59 -8.53
CA THR B 185 -25.34 -6.99 -7.35
C THR B 185 -24.68 -7.38 -6.03
N SER B 186 -24.80 -6.49 -5.05
CA SER B 186 -24.27 -6.69 -3.71
C SER B 186 -22.75 -6.78 -3.64
N MET B 187 -22.09 -5.65 -3.42
CA MET B 187 -20.64 -5.64 -3.30
C MET B 187 -20.26 -6.18 -1.92
N GLU B 188 -21.15 -6.99 -1.36
CA GLU B 188 -20.94 -7.60 -0.06
C GLU B 188 -20.77 -9.10 -0.22
N ASP B 189 -21.83 -9.78 -0.66
CA ASP B 189 -21.78 -11.22 -0.84
C ASP B 189 -20.66 -11.61 -1.81
N ARG B 190 -20.15 -10.65 -2.57
CA ARG B 190 -19.05 -10.92 -3.48
C ARG B 190 -17.89 -11.23 -2.54
N ARG B 191 -17.68 -10.31 -1.61
CA ARG B 191 -16.62 -10.40 -0.63
C ARG B 191 -16.64 -11.75 0.09
N ARG B 192 -17.81 -12.16 0.55
CA ARG B 192 -17.93 -13.43 1.25
C ARG B 192 -17.33 -14.55 0.41
N ALA B 193 -17.64 -14.56 -0.87
CA ALA B 193 -17.12 -15.57 -1.79
C ALA B 193 -15.62 -15.35 -1.92
N PHE B 194 -15.24 -14.08 -2.02
CA PHE B 194 -13.83 -13.69 -2.14
C PHE B 194 -13.09 -14.25 -0.93
N ALA B 195 -13.73 -14.17 0.23
CA ALA B 195 -13.15 -14.66 1.48
C ALA B 195 -13.16 -16.18 1.49
N GLU B 196 -14.32 -16.77 1.19
CA GLU B 196 -14.46 -18.21 1.14
C GLU B 196 -13.39 -18.75 0.19
N LEU B 197 -13.11 -17.98 -0.86
CA LEU B 197 -12.11 -18.40 -1.82
C LEU B 197 -10.71 -18.21 -1.26
N ARG B 198 -10.38 -16.98 -0.88
CA ARG B 198 -9.06 -16.70 -0.32
C ARG B 198 -8.73 -17.71 0.76
N ALA B 199 -9.76 -18.13 1.49
CA ALA B 199 -9.58 -19.11 2.55
C ALA B 199 -9.28 -20.47 1.93
N TYR B 200 -10.17 -20.92 1.05
CA TYR B 200 -10.01 -22.20 0.38
C TYR B 200 -8.64 -22.36 -0.28
N ILE B 201 -8.28 -21.40 -1.13
CA ILE B 201 -6.99 -21.46 -1.82
C ILE B 201 -5.82 -21.38 -0.85
N ASP B 202 -6.00 -20.67 0.26
CA ASP B 202 -4.94 -20.52 1.25
C ASP B 202 -4.62 -21.88 1.87
N ASP B 203 -5.66 -22.61 2.27
CA ASP B 203 -5.50 -23.92 2.86
C ASP B 203 -5.09 -24.93 1.80
N LEU B 204 -5.67 -24.79 0.61
CA LEU B 204 -5.38 -25.68 -0.50
C LEU B 204 -3.88 -25.69 -0.76
N ILE B 205 -3.27 -24.52 -0.76
CA ILE B 205 -1.83 -24.41 -1.00
C ILE B 205 -1.05 -25.04 0.15
N THR B 206 -1.49 -24.80 1.38
CA THR B 206 -0.83 -25.36 2.54
C THR B 206 -0.78 -26.88 2.39
N ARG B 207 -1.88 -27.45 1.94
CA ARG B 207 -1.97 -28.89 1.74
C ARG B 207 -1.03 -29.35 0.63
N LYS B 208 -0.88 -28.54 -0.41
CA LYS B 208 0.00 -28.89 -1.52
C LYS B 208 1.46 -28.89 -1.06
N GLU B 209 1.80 -27.99 -0.16
CA GLU B 209 3.16 -27.89 0.37
C GLU B 209 3.66 -29.26 0.84
N SER B 210 2.76 -30.01 1.45
CA SER B 210 3.07 -31.36 1.93
C SER B 210 2.15 -32.29 1.14
N GLU B 211 2.72 -32.94 0.13
CA GLU B 211 1.99 -33.84 -0.77
C GLU B 211 1.47 -33.03 -1.95
N PRO B 212 2.33 -32.78 -2.95
CA PRO B 212 1.98 -32.02 -4.15
C PRO B 212 1.20 -32.85 -5.17
N GLY B 213 1.21 -32.37 -6.41
CA GLY B 213 0.53 -33.05 -7.50
C GLY B 213 1.08 -32.52 -8.81
N ASP B 214 0.27 -32.58 -9.87
CA ASP B 214 0.69 -32.08 -11.17
C ASP B 214 -0.06 -30.80 -11.44
N ASP B 215 0.32 -29.74 -10.73
CA ASP B 215 -0.33 -28.45 -10.86
C ASP B 215 0.62 -27.27 -10.72
N LEU B 216 0.10 -26.07 -10.97
CA LEU B 216 0.89 -24.85 -10.87
C LEU B 216 1.37 -24.62 -9.44
N PHE B 217 0.46 -24.78 -8.49
CA PHE B 217 0.81 -24.61 -7.09
C PHE B 217 2.01 -25.46 -6.70
N SER B 218 1.88 -26.78 -6.91
CA SER B 218 2.95 -27.71 -6.60
C SER B 218 4.25 -27.22 -7.23
N ARG B 219 4.18 -26.97 -8.53
CA ARG B 219 5.33 -26.51 -9.32
C ARG B 219 5.97 -25.26 -8.71
N GLN B 220 5.13 -24.32 -8.31
CA GLN B 220 5.60 -23.06 -7.72
C GLN B 220 6.22 -23.26 -6.35
N ILE B 221 5.52 -23.98 -5.47
CA ILE B 221 6.04 -24.24 -4.14
C ILE B 221 7.40 -24.88 -4.26
N ALA B 222 7.56 -25.71 -5.29
CA ALA B 222 8.80 -26.42 -5.55
C ALA B 222 9.97 -25.50 -5.91
N ARG B 223 9.73 -24.52 -6.78
CA ARG B 223 10.80 -23.60 -7.17
C ARG B 223 11.20 -22.70 -6.02
N GLN B 224 10.22 -22.18 -5.30
CA GLN B 224 10.49 -21.31 -4.15
C GLN B 224 11.42 -22.03 -3.18
N ARG B 225 11.13 -23.29 -2.92
CA ARG B 225 11.94 -24.10 -2.02
C ARG B 225 13.35 -24.28 -2.61
N GLN B 226 13.39 -24.86 -3.81
CA GLN B 226 14.64 -25.11 -4.50
C GLN B 226 15.49 -23.86 -4.65
N GLU B 227 14.85 -22.74 -4.98
CA GLU B 227 15.56 -21.49 -5.18
C GLU B 227 15.98 -20.77 -3.91
N GLY B 228 15.07 -20.02 -3.31
CA GLY B 228 15.42 -19.29 -2.11
C GLY B 228 14.61 -19.60 -0.86
N THR B 229 13.39 -19.07 -0.81
CA THR B 229 12.51 -19.27 0.34
C THR B 229 11.02 -19.18 -0.04
N LEU B 230 10.17 -19.87 0.72
CA LEU B 230 8.74 -19.89 0.46
C LEU B 230 8.07 -18.53 0.69
N ASP B 231 6.96 -18.33 -0.01
CA ASP B 231 6.17 -17.11 0.07
C ASP B 231 4.71 -17.51 -0.08
N HIS B 232 4.14 -18.05 0.99
CA HIS B 232 2.75 -18.50 0.98
C HIS B 232 1.80 -17.41 0.49
N ALA B 233 1.94 -16.22 1.06
CA ALA B 233 1.11 -15.08 0.68
C ALA B 233 1.25 -14.80 -0.81
N GLY B 234 2.49 -14.60 -1.24
CA GLY B 234 2.74 -14.32 -2.65
C GLY B 234 2.08 -15.34 -3.56
N LEU B 235 2.06 -16.60 -3.11
CA LEU B 235 1.46 -17.67 -3.90
C LEU B 235 -0.06 -17.56 -3.93
N VAL B 236 -0.66 -17.21 -2.79
CA VAL B 236 -2.12 -17.08 -2.75
C VAL B 236 -2.49 -15.86 -3.58
N SER B 237 -1.58 -14.88 -3.61
CA SER B 237 -1.81 -13.66 -4.37
C SER B 237 -1.68 -13.92 -5.86
N LEU B 238 -0.79 -14.84 -6.22
CA LEU B 238 -0.61 -15.18 -7.62
C LEU B 238 -1.88 -15.83 -8.15
N ALA B 239 -2.44 -16.75 -7.37
CA ALA B 239 -3.66 -17.43 -7.78
C ALA B 239 -4.74 -16.42 -8.12
N PHE B 240 -5.02 -15.49 -7.20
CA PHE B 240 -6.04 -14.50 -7.45
C PHE B 240 -5.71 -13.56 -8.61
N LEU B 241 -4.42 -13.28 -8.80
CA LEU B 241 -4.02 -12.41 -9.90
C LEU B 241 -4.45 -13.08 -11.20
N LEU B 242 -4.11 -14.36 -11.33
CA LEU B 242 -4.46 -15.15 -12.51
C LEU B 242 -5.97 -15.23 -12.70
N LEU B 243 -6.68 -15.61 -11.64
CA LEU B 243 -8.12 -15.71 -11.73
C LEU B 243 -8.73 -14.38 -12.16
N THR B 244 -8.36 -13.32 -11.44
CA THR B 244 -8.86 -11.98 -11.72
C THR B 244 -8.59 -11.47 -13.13
N ALA B 245 -7.36 -11.61 -13.58
CA ALA B 245 -6.98 -11.13 -14.91
C ALA B 245 -7.45 -12.04 -16.03
N GLY B 246 -7.92 -13.23 -15.69
CA GLY B 246 -8.33 -14.15 -16.74
C GLY B 246 -9.73 -14.71 -16.75
N HIS B 247 -10.53 -14.38 -15.74
CA HIS B 247 -11.88 -14.92 -15.73
C HIS B 247 -12.86 -14.10 -16.57
N GLU B 248 -13.18 -12.90 -16.11
CA GLU B 248 -14.12 -12.06 -16.83
C GLU B 248 -13.68 -11.71 -18.25
N THR B 249 -12.42 -11.36 -18.42
CA THR B 249 -11.92 -11.00 -19.74
C THR B 249 -12.23 -12.12 -20.74
N THR B 250 -11.91 -13.35 -20.34
CA THR B 250 -12.15 -14.52 -21.19
C THR B 250 -13.65 -14.73 -21.36
N ALA B 251 -14.37 -14.67 -20.24
CA ALA B 251 -15.81 -14.85 -20.24
C ALA B 251 -16.48 -13.90 -21.24
N ASN B 252 -16.11 -12.62 -21.17
CA ASN B 252 -16.68 -11.63 -22.06
C ASN B 252 -16.29 -11.88 -23.51
N MET B 253 -15.09 -12.41 -23.72
CA MET B 253 -14.65 -12.71 -25.07
C MET B 253 -15.47 -13.84 -25.66
N ILE B 254 -15.86 -14.78 -24.80
CA ILE B 254 -16.69 -15.90 -25.24
C ILE B 254 -18.04 -15.32 -25.67
N SER B 255 -18.63 -14.53 -24.79
CA SER B 255 -19.91 -13.89 -25.04
C SER B 255 -19.86 -13.12 -26.34
N LEU B 256 -18.98 -12.11 -26.39
CA LEU B 256 -18.82 -11.27 -27.58
C LEU B 256 -18.45 -12.06 -28.83
N GLY B 257 -17.68 -13.12 -28.65
CA GLY B 257 -17.26 -13.95 -29.77
C GLY B 257 -18.48 -14.57 -30.46
N VAL B 258 -19.43 -15.04 -29.66
CA VAL B 258 -20.65 -15.64 -30.21
C VAL B 258 -21.44 -14.58 -30.95
N VAL B 259 -21.84 -13.53 -30.25
CA VAL B 259 -22.61 -12.46 -30.87
C VAL B 259 -21.90 -11.94 -32.13
N GLY B 260 -20.58 -11.85 -32.06
CA GLY B 260 -19.81 -11.39 -33.20
C GLY B 260 -19.96 -12.33 -34.39
N LEU B 261 -19.69 -13.61 -34.15
CA LEU B 261 -19.78 -14.61 -35.20
C LEU B 261 -21.21 -14.77 -35.71
N LEU B 262 -22.17 -14.72 -34.79
CA LEU B 262 -23.57 -14.85 -35.12
C LEU B 262 -24.05 -13.73 -36.04
N SER B 263 -23.64 -12.50 -35.73
CA SER B 263 -24.02 -11.34 -36.52
C SER B 263 -23.22 -11.21 -37.81
N HIS B 264 -22.45 -12.23 -38.15
CA HIS B 264 -21.64 -12.22 -39.36
C HIS B 264 -21.56 -13.63 -39.93
N PRO B 265 -22.71 -14.18 -40.37
CA PRO B 265 -22.85 -15.52 -40.93
C PRO B 265 -21.71 -15.91 -41.87
N GLU B 266 -21.40 -15.03 -42.81
CA GLU B 266 -20.33 -15.25 -43.77
C GLU B 266 -19.12 -15.84 -43.05
N GLN B 267 -18.73 -15.15 -41.98
CA GLN B 267 -17.59 -15.54 -41.17
C GLN B 267 -17.84 -16.79 -40.34
N LEU B 268 -19.04 -16.89 -39.77
CA LEU B 268 -19.37 -18.06 -38.96
C LEU B 268 -19.30 -19.33 -39.79
N THR B 269 -19.64 -19.23 -41.07
CA THR B 269 -19.60 -20.38 -41.96
C THR B 269 -18.18 -20.86 -42.13
N VAL B 270 -17.28 -19.92 -42.41
CA VAL B 270 -15.87 -20.25 -42.60
C VAL B 270 -15.32 -21.02 -41.41
N VAL B 271 -15.57 -20.50 -40.21
CA VAL B 271 -15.11 -21.14 -38.99
C VAL B 271 -15.78 -22.49 -38.78
N LYS B 272 -17.08 -22.53 -39.06
CA LYS B 272 -17.87 -23.75 -38.91
C LYS B 272 -17.44 -24.80 -39.92
N ALA B 273 -17.08 -24.36 -41.12
CA ALA B 273 -16.67 -25.26 -42.19
C ALA B 273 -15.30 -25.86 -41.94
N ASN B 274 -14.30 -25.02 -41.71
CA ASN B 274 -12.94 -25.50 -41.46
C ASN B 274 -12.37 -24.99 -40.14
N PRO B 275 -12.46 -25.80 -39.08
CA PRO B 275 -11.96 -25.44 -37.74
C PRO B 275 -10.50 -24.99 -37.72
N GLY B 276 -9.79 -25.24 -38.82
CA GLY B 276 -8.40 -24.84 -38.88
C GLY B 276 -8.29 -23.33 -39.01
N ARG B 277 -9.38 -22.71 -39.47
CA ARG B 277 -9.42 -21.26 -39.66
C ARG B 277 -9.79 -20.55 -38.36
N THR B 278 -10.23 -21.32 -37.37
CA THR B 278 -10.64 -20.77 -36.08
C THR B 278 -9.60 -19.92 -35.37
N PRO B 279 -8.37 -20.43 -35.20
CA PRO B 279 -7.33 -19.64 -34.52
C PRO B 279 -7.22 -18.22 -35.03
N MET B 280 -7.17 -18.06 -36.35
CA MET B 280 -7.05 -16.74 -36.93
C MET B 280 -8.34 -15.94 -36.71
N ALA B 281 -9.45 -16.67 -36.52
CA ALA B 281 -10.75 -16.05 -36.29
C ALA B 281 -10.79 -15.48 -34.87
N VAL B 282 -10.15 -16.19 -33.95
CA VAL B 282 -10.10 -15.76 -32.56
C VAL B 282 -9.27 -14.48 -32.48
N GLU B 283 -8.32 -14.35 -33.40
CA GLU B 283 -7.47 -13.17 -33.43
C GLU B 283 -8.26 -11.97 -33.91
N GLU B 284 -9.05 -12.17 -34.95
CA GLU B 284 -9.87 -11.12 -35.51
C GLU B 284 -10.90 -10.65 -34.48
N LEU B 285 -11.51 -11.60 -33.78
CA LEU B 285 -12.50 -11.24 -32.78
C LEU B 285 -11.86 -10.43 -31.65
N LEU B 286 -10.61 -10.75 -31.32
CA LEU B 286 -9.91 -10.03 -30.27
C LEU B 286 -9.67 -8.59 -30.68
N ARG B 287 -9.28 -8.39 -31.93
CA ARG B 287 -9.01 -7.05 -32.46
C ARG B 287 -10.32 -6.26 -32.54
N TYR B 288 -11.29 -6.84 -33.21
CA TYR B 288 -12.60 -6.22 -33.40
C TYR B 288 -13.23 -5.68 -32.13
N PHE B 289 -13.23 -6.46 -31.06
CA PHE B 289 -13.83 -6.03 -29.80
C PHE B 289 -12.87 -5.31 -28.85
N THR B 290 -11.65 -5.82 -28.71
CA THR B 290 -10.65 -5.23 -27.82
C THR B 290 -11.32 -4.77 -26.52
N ILE B 291 -11.86 -5.72 -25.78
CA ILE B 291 -12.56 -5.42 -24.53
C ILE B 291 -11.74 -4.89 -23.37
N ALA B 292 -10.45 -4.70 -23.56
CA ALA B 292 -9.60 -4.19 -22.48
C ALA B 292 -9.21 -2.76 -22.78
N ASP B 293 -9.78 -2.23 -23.86
CA ASP B 293 -9.53 -0.87 -24.34
C ASP B 293 -8.59 0.04 -23.56
N GLY B 294 -9.08 0.67 -22.50
CA GLY B 294 -8.26 1.59 -21.74
C GLY B 294 -7.64 1.18 -20.41
N VAL B 295 -7.56 -0.12 -20.14
CA VAL B 295 -6.97 -0.56 -18.88
C VAL B 295 -5.47 -0.25 -18.90
N THR B 296 -4.96 0.10 -20.08
CA THR B 296 -3.55 0.42 -20.24
C THR B 296 -3.21 1.87 -20.00
N SER B 297 -3.39 2.32 -18.76
CA SER B 297 -3.06 3.70 -18.41
C SER B 297 -1.65 3.69 -17.84
N ARG B 298 -0.86 4.71 -18.14
CA ARG B 298 0.51 4.78 -17.66
C ARG B 298 0.82 6.16 -17.07
N LEU B 299 1.96 6.26 -16.39
CA LEU B 299 2.39 7.51 -15.79
C LEU B 299 3.79 7.86 -16.27
N ALA B 300 3.89 8.93 -17.05
CA ALA B 300 5.17 9.38 -17.60
C ALA B 300 6.13 9.77 -16.49
N THR B 301 7.25 9.07 -16.43
CA THR B 301 8.29 9.28 -15.43
C THR B 301 9.36 10.29 -15.87
N GLU B 302 9.34 10.63 -17.15
CA GLU B 302 10.30 11.57 -17.72
C GLU B 302 9.62 12.36 -18.83
N ASP B 303 10.34 13.34 -19.38
CA ASP B 303 9.82 14.12 -20.49
C ASP B 303 10.07 13.26 -21.72
N VAL B 304 9.02 13.04 -22.52
CA VAL B 304 9.16 12.22 -23.72
C VAL B 304 8.51 12.85 -24.94
N GLU B 305 9.22 12.80 -26.06
CA GLU B 305 8.72 13.33 -27.32
C GLU B 305 8.21 12.14 -28.10
N ILE B 306 6.90 12.11 -28.34
CA ILE B 306 6.30 11.00 -29.07
C ILE B 306 5.02 11.45 -29.77
N GLY B 307 4.75 10.89 -30.93
CA GLY B 307 3.57 11.26 -31.68
C GLY B 307 3.59 12.74 -32.02
N GLY B 308 4.78 13.33 -31.97
CA GLY B 308 4.91 14.75 -32.27
C GLY B 308 4.39 15.60 -31.13
N VAL B 309 4.33 14.99 -29.95
CA VAL B 309 3.84 15.69 -28.76
C VAL B 309 4.88 15.60 -27.65
N SER B 310 5.04 16.68 -26.90
CA SER B 310 6.01 16.71 -25.81
C SER B 310 5.31 16.36 -24.49
N ILE B 311 5.43 15.11 -24.07
CA ILE B 311 4.83 14.68 -22.82
C ILE B 311 5.83 14.97 -21.69
N LYS B 312 5.39 15.73 -20.70
CA LYS B 312 6.25 16.07 -19.59
C LYS B 312 6.08 15.08 -18.43
N ALA B 313 7.17 14.88 -17.69
CA ALA B 313 7.18 13.97 -16.55
C ALA B 313 6.05 14.24 -15.57
N GLY B 314 5.50 13.18 -14.99
CA GLY B 314 4.42 13.34 -14.02
C GLY B 314 3.04 13.38 -14.64
N GLU B 315 2.97 13.38 -15.97
CA GLU B 315 1.68 13.43 -16.66
C GLU B 315 1.16 12.03 -16.94
N GLY B 316 -0.16 11.88 -16.92
CA GLY B 316 -0.76 10.59 -17.19
C GLY B 316 -0.93 10.33 -18.66
N VAL B 317 -0.75 9.08 -19.08
CA VAL B 317 -0.91 8.72 -20.48
C VAL B 317 -1.78 7.48 -20.57
N ILE B 318 -2.79 7.52 -21.43
CA ILE B 318 -3.68 6.38 -21.60
C ILE B 318 -3.61 5.84 -23.01
N VAL B 319 -3.28 4.56 -23.14
CA VAL B 319 -3.20 3.93 -24.45
C VAL B 319 -4.54 3.27 -24.73
N SER B 320 -5.17 3.66 -25.82
CA SER B 320 -6.46 3.10 -26.20
C SER B 320 -6.26 1.93 -27.16
N MET B 321 -6.30 0.73 -26.62
CA MET B 321 -6.11 -0.46 -27.44
C MET B 321 -7.18 -0.60 -28.50
N LEU B 322 -8.42 -0.28 -28.14
CA LEU B 322 -9.53 -0.36 -29.09
C LEU B 322 -9.29 0.60 -30.24
N SER B 323 -8.76 1.77 -29.89
CA SER B 323 -8.47 2.80 -30.88
C SER B 323 -7.34 2.35 -31.81
N ALA B 324 -6.33 1.71 -31.23
CA ALA B 324 -5.18 1.23 -32.01
C ALA B 324 -5.56 0.04 -32.88
N ASN B 325 -6.46 -0.81 -32.38
CA ASN B 325 -6.89 -1.97 -33.15
C ASN B 325 -7.90 -1.62 -34.22
N TRP B 326 -8.27 -0.36 -34.31
CA TRP B 326 -9.20 0.10 -35.32
C TRP B 326 -8.54 1.17 -36.19
N ASP B 327 -7.24 1.32 -35.99
CA ASP B 327 -6.45 2.28 -36.74
C ASP B 327 -6.37 1.83 -38.20
N PRO B 328 -7.04 2.57 -39.11
CA PRO B 328 -7.03 2.22 -40.52
C PRO B 328 -5.64 2.17 -41.13
N ALA B 329 -4.69 2.81 -40.46
CA ALA B 329 -3.31 2.85 -40.94
C ALA B 329 -2.62 1.50 -40.92
N VAL B 330 -3.23 0.52 -40.26
CA VAL B 330 -2.65 -0.83 -40.19
C VAL B 330 -3.68 -1.91 -40.51
N PHE B 331 -4.95 -1.62 -40.23
CA PHE B 331 -6.01 -2.59 -40.50
C PHE B 331 -6.97 -2.06 -41.56
N LYS B 332 -6.76 -2.49 -42.79
CA LYS B 332 -7.60 -2.08 -43.91
C LYS B 332 -9.06 -2.34 -43.54
N ASP B 333 -9.91 -1.32 -43.71
CA ASP B 333 -11.32 -1.45 -43.38
C ASP B 333 -11.45 -2.07 -41.99
N PRO B 334 -11.00 -1.34 -40.96
CA PRO B 334 -11.07 -1.85 -39.58
C PRO B 334 -12.46 -2.13 -39.06
N ALA B 335 -13.48 -1.57 -39.69
CA ALA B 335 -14.86 -1.76 -39.26
C ALA B 335 -15.48 -3.10 -39.65
N VAL B 336 -14.81 -3.86 -40.51
CA VAL B 336 -15.33 -5.14 -40.94
C VAL B 336 -14.73 -6.33 -40.22
N LEU B 337 -15.58 -7.24 -39.76
CA LEU B 337 -15.14 -8.45 -39.07
C LEU B 337 -14.69 -9.42 -40.16
N ASP B 338 -13.39 -9.51 -40.37
CA ASP B 338 -12.84 -10.38 -41.40
C ASP B 338 -11.89 -11.46 -40.86
N VAL B 339 -12.46 -12.58 -40.47
CA VAL B 339 -11.69 -13.70 -39.94
C VAL B 339 -10.56 -14.11 -40.89
N GLU B 340 -10.71 -13.76 -42.16
CA GLU B 340 -9.73 -14.11 -43.19
C GLU B 340 -8.45 -13.27 -43.18
N ARG B 341 -8.58 -11.98 -42.83
CA ARG B 341 -7.42 -11.08 -42.81
C ARG B 341 -6.26 -11.70 -42.05
N GLY B 342 -5.06 -11.55 -42.60
CA GLY B 342 -3.89 -12.12 -41.96
C GLY B 342 -3.26 -11.26 -40.88
N ALA B 343 -3.50 -9.95 -40.97
CA ALA B 343 -2.97 -8.97 -40.02
C ALA B 343 -2.55 -9.52 -38.67
N ARG B 344 -1.42 -9.01 -38.16
CA ARG B 344 -0.88 -9.40 -36.86
C ARG B 344 -0.70 -8.15 -36.02
N HIS B 345 -0.13 -8.36 -34.84
CA HIS B 345 0.17 -7.27 -33.92
C HIS B 345 -0.99 -6.43 -33.41
N HIS B 346 -2.14 -7.05 -33.18
CA HIS B 346 -3.26 -6.30 -32.64
C HIS B 346 -2.84 -6.06 -31.20
N LEU B 347 -3.43 -5.08 -30.53
CA LEU B 347 -3.03 -4.80 -29.15
C LEU B 347 -4.04 -5.18 -28.07
N ALA B 348 -5.00 -6.04 -28.41
CA ALA B 348 -6.00 -6.46 -27.44
C ALA B 348 -5.38 -7.09 -26.20
N PHE B 349 -4.17 -7.61 -26.36
CA PHE B 349 -3.47 -8.25 -25.25
C PHE B 349 -2.37 -7.35 -24.71
N GLY B 350 -2.33 -6.13 -25.22
CA GLY B 350 -1.30 -5.20 -24.77
C GLY B 350 -0.03 -5.41 -25.55
N PHE B 351 1.03 -4.74 -25.15
CA PHE B 351 2.31 -4.83 -25.83
C PHE B 351 3.38 -4.43 -24.82
N GLY B 352 4.57 -5.01 -24.95
CA GLY B 352 5.65 -4.66 -24.03
C GLY B 352 5.79 -5.59 -22.82
N PRO B 353 6.56 -5.16 -21.81
CA PRO B 353 6.80 -5.93 -20.58
C PRO B 353 5.57 -6.51 -19.90
N HIS B 354 4.46 -5.76 -19.92
CA HIS B 354 3.25 -6.23 -19.27
C HIS B 354 2.28 -6.97 -20.17
N GLN B 355 2.66 -7.19 -21.43
CA GLN B 355 1.78 -7.90 -22.35
C GLN B 355 1.15 -9.08 -21.62
N CYS B 356 -0.13 -9.33 -21.92
CA CYS B 356 -0.86 -10.41 -21.29
C CYS B 356 -0.11 -11.72 -21.10
N LEU B 357 0.01 -12.12 -19.84
CA LEU B 357 0.73 -13.34 -19.46
C LEU B 357 -0.02 -14.62 -19.84
N GLY B 358 -1.35 -14.59 -19.78
CA GLY B 358 -2.11 -15.77 -20.14
C GLY B 358 -2.81 -15.63 -21.47
N GLN B 359 -2.29 -14.74 -22.30
CA GLN B 359 -2.87 -14.49 -23.61
C GLN B 359 -3.01 -15.77 -24.43
N ASN B 360 -2.10 -16.72 -24.22
CA ASN B 360 -2.16 -17.97 -24.96
C ASN B 360 -3.10 -18.97 -24.35
N LEU B 361 -3.30 -18.90 -23.03
CA LEU B 361 -4.24 -19.80 -22.39
C LEU B 361 -5.61 -19.32 -22.84
N ALA B 362 -5.69 -18.00 -23.03
CA ALA B 362 -6.92 -17.37 -23.49
C ALA B 362 -7.21 -17.84 -24.91
N ARG B 363 -6.24 -17.68 -25.80
CA ARG B 363 -6.40 -18.10 -27.19
C ARG B 363 -6.87 -19.55 -27.26
N MET B 364 -6.31 -20.40 -26.41
CA MET B 364 -6.70 -21.81 -26.43
C MET B 364 -8.15 -22.00 -25.99
N GLU B 365 -8.53 -21.36 -24.90
CA GLU B 365 -9.90 -21.46 -24.42
C GLU B 365 -10.91 -21.04 -25.49
N LEU B 366 -10.74 -19.84 -26.01
CA LEU B 366 -11.64 -19.31 -27.04
C LEU B 366 -11.74 -20.27 -28.22
N GLN B 367 -10.58 -20.64 -28.74
CA GLN B 367 -10.50 -21.54 -29.88
C GLN B 367 -11.28 -22.81 -29.59
N ILE B 368 -11.08 -23.40 -28.42
CA ILE B 368 -11.77 -24.62 -28.04
C ILE B 368 -13.27 -24.38 -27.87
N VAL B 369 -13.61 -23.28 -27.23
CA VAL B 369 -15.02 -22.94 -26.99
C VAL B 369 -15.83 -22.70 -28.25
N PHE B 370 -15.29 -21.90 -29.16
CA PHE B 370 -15.99 -21.60 -30.40
C PHE B 370 -16.19 -22.84 -31.27
N ASP B 371 -15.15 -23.63 -31.43
CA ASP B 371 -15.27 -24.82 -32.24
C ASP B 371 -16.28 -25.81 -31.65
N THR B 372 -16.06 -26.19 -30.40
CA THR B 372 -16.95 -27.12 -29.74
C THR B 372 -18.40 -26.62 -29.75
N LEU B 373 -18.59 -25.36 -29.36
CA LEU B 373 -19.93 -24.78 -29.30
C LEU B 373 -20.70 -24.84 -30.61
N PHE B 374 -20.05 -24.48 -31.71
CA PHE B 374 -20.74 -24.50 -33.00
C PHE B 374 -20.76 -25.86 -33.69
N ARG B 375 -19.96 -26.78 -33.18
CA ARG B 375 -19.91 -28.14 -33.73
C ARG B 375 -20.99 -28.96 -33.04
N ARG B 376 -21.17 -28.72 -31.74
CA ARG B 376 -22.16 -29.42 -30.93
C ARG B 376 -23.56 -28.81 -31.08
N ILE B 377 -23.61 -27.50 -31.30
CA ILE B 377 -24.88 -26.80 -31.45
C ILE B 377 -24.80 -25.85 -32.64
N PRO B 378 -24.62 -26.40 -33.85
CA PRO B 378 -24.52 -25.61 -35.08
C PRO B 378 -25.67 -24.65 -35.39
N SER B 379 -26.89 -25.00 -35.00
CA SER B 379 -28.04 -24.12 -35.28
C SER B 379 -28.25 -23.08 -34.18
N LEU B 380 -27.22 -22.84 -33.37
CA LEU B 380 -27.32 -21.86 -32.31
C LEU B 380 -27.69 -20.49 -32.86
N ARG B 381 -28.64 -19.84 -32.21
CA ARG B 381 -29.10 -18.52 -32.62
C ARG B 381 -29.45 -17.67 -31.40
N LEU B 382 -29.63 -16.38 -31.63
CA LEU B 382 -29.99 -15.44 -30.56
C LEU B 382 -31.47 -15.60 -30.25
N ALA B 383 -31.78 -15.79 -28.97
CA ALA B 383 -33.17 -15.97 -28.51
C ALA B 383 -33.99 -14.69 -28.60
N VAL B 384 -33.31 -13.56 -28.75
CA VAL B 384 -33.98 -12.26 -28.85
C VAL B 384 -33.28 -11.41 -29.89
N PRO B 385 -33.91 -10.31 -30.33
CA PRO B 385 -33.28 -9.45 -31.33
C PRO B 385 -32.00 -8.83 -30.77
N MET B 386 -31.09 -8.46 -31.65
CA MET B 386 -29.82 -7.87 -31.24
C MET B 386 -29.99 -6.69 -30.28
N GLU B 387 -30.80 -5.71 -30.67
CA GLU B 387 -31.05 -4.52 -29.87
C GLU B 387 -31.44 -4.82 -28.43
N ASP B 388 -31.88 -6.05 -28.17
CA ASP B 388 -32.32 -6.44 -26.83
C ASP B 388 -31.24 -7.02 -25.91
N VAL B 389 -30.11 -7.45 -26.46
CA VAL B 389 -29.07 -7.99 -25.61
C VAL B 389 -28.34 -6.87 -24.88
N PRO B 390 -28.30 -6.93 -23.55
CA PRO B 390 -27.66 -5.95 -22.67
C PRO B 390 -26.14 -6.06 -22.58
N PHE B 391 -25.44 -5.15 -23.24
CA PHE B 391 -23.97 -5.13 -23.23
C PHE B 391 -23.43 -4.38 -22.00
N LYS B 392 -22.25 -4.82 -21.53
CA LYS B 392 -21.62 -4.17 -20.37
C LYS B 392 -20.90 -2.90 -20.82
N GLY B 393 -21.48 -2.20 -21.80
CA GLY B 393 -20.88 -0.98 -22.31
C GLY B 393 -20.45 0.09 -21.32
N ASP B 394 -20.84 -0.08 -20.06
CA ASP B 394 -20.50 0.89 -19.02
C ASP B 394 -19.41 0.34 -18.10
N SER B 395 -18.82 -0.79 -18.48
CA SER B 395 -17.77 -1.42 -17.67
C SER B 395 -16.37 -1.17 -18.22
N VAL B 396 -15.37 -1.28 -17.35
CA VAL B 396 -13.98 -1.08 -17.75
C VAL B 396 -13.63 -2.08 -18.84
N ILE B 397 -14.15 -3.29 -18.70
CA ILE B 397 -13.91 -4.35 -19.69
C ILE B 397 -15.22 -4.66 -20.39
N TYR B 398 -15.26 -4.42 -21.70
CA TYR B 398 -16.46 -4.65 -22.49
C TYR B 398 -16.89 -6.10 -22.46
N GLY B 399 -18.19 -6.31 -22.64
CA GLY B 399 -18.75 -7.65 -22.63
C GLY B 399 -20.26 -7.55 -22.71
N VAL B 400 -20.95 -8.59 -22.26
CA VAL B 400 -22.41 -8.60 -22.29
C VAL B 400 -22.96 -9.25 -21.02
N HIS B 401 -23.89 -8.54 -20.37
CA HIS B 401 -24.50 -9.01 -19.14
C HIS B 401 -25.17 -10.37 -19.24
N GLU B 402 -25.98 -10.56 -20.28
CA GLU B 402 -26.68 -11.82 -20.49
C GLU B 402 -27.00 -11.98 -21.97
N LEU B 403 -26.83 -13.19 -22.49
CA LEU B 403 -27.08 -13.45 -23.89
C LEU B 403 -28.02 -14.64 -24.14
N PRO B 404 -29.33 -14.38 -24.26
CA PRO B 404 -30.33 -15.42 -24.50
C PRO B 404 -30.10 -16.11 -25.85
N VAL B 405 -30.18 -17.44 -25.87
CA VAL B 405 -29.98 -18.19 -27.11
C VAL B 405 -30.85 -19.44 -27.19
N THR B 406 -31.03 -19.96 -28.41
CA THR B 406 -31.82 -21.16 -28.65
C THR B 406 -31.30 -21.87 -29.90
N TRP B 407 -31.81 -23.07 -30.16
CA TRP B 407 -31.39 -23.85 -31.31
C TRP B 407 -32.49 -24.84 -31.68
N HIS B 408 -32.62 -25.09 -32.99
CA HIS B 408 -33.64 -26.00 -33.49
C HIS B 408 -33.66 -27.34 -32.76
N HIS B 409 -34.87 -27.85 -32.54
CA HIS B 409 -34.99 -29.14 -31.91
C HIS B 409 -35.64 -29.99 -33.01
N HIS B 410 -35.04 -31.17 -33.25
CA HIS B 410 -35.50 -32.02 -34.33
C HIS B 410 -35.63 -33.48 -33.97
N HIS B 411 -35.98 -34.27 -34.98
CA HIS B 411 -36.12 -35.71 -34.83
C HIS B 411 -36.16 -36.36 -36.21
N HIS B 412 -35.49 -37.50 -36.34
CA HIS B 412 -35.40 -38.24 -37.58
C HIS B 412 -36.67 -39.01 -37.92
FE FE C . 29.79 6.11 50.26
CHA HEM D . 2.25 9.40 17.93
CHB HEM D . 5.65 11.91 20.06
CHC HEM D . 6.75 8.19 22.78
CHD HEM D . 3.28 5.67 20.72
C1A HEM D . 3.07 10.41 18.31
C2A HEM D . 3.02 11.74 17.79
C3A HEM D . 4.00 12.44 18.36
C4A HEM D . 4.64 11.55 19.26
CMA HEM D . 4.37 13.89 18.13
CAA HEM D . 2.04 12.28 16.73
CBA HEM D . 2.61 12.19 15.31
CGA HEM D . 1.63 12.72 14.28
O1A HEM D . 0.55 13.16 14.62
O2A HEM D . 1.95 12.71 12.98
C1B HEM D . 6.28 11.08 20.95
C2B HEM D . 7.39 11.53 21.73
C3B HEM D . 7.75 10.53 22.51
C4B HEM D . 6.79 9.41 22.17
CMB HEM D . 8.02 12.91 21.66
CAB HEM D . 8.87 10.59 23.51
CBB HEM D . 9.23 9.59 24.31
C1C HEM D . 5.88 7.18 22.48
C2C HEM D . 5.82 5.94 23.17
C3C HEM D . 4.83 5.20 22.58
C4C HEM D . 4.30 6.03 21.52
CMC HEM D . 6.70 5.53 24.34
CAC HEM D . 4.38 3.83 22.97
CBC HEM D . 5.13 2.75 22.68
C1D HEM D . 2.77 6.48 19.73
C2D HEM D . 1.72 6.02 18.79
C3D HEM D . 1.42 7.06 18.02
C4D HEM D . 2.31 8.16 18.47
CMD HEM D . 1.11 4.64 18.75
CAD HEM D . 0.40 7.13 16.90
CBD HEM D . -0.92 7.67 17.47
CGD HEM D . -1.99 7.79 16.40
O1D HEM D . -1.77 7.47 15.25
O2D HEM D . -3.20 8.25 16.74
NA HEM D . 4.08 10.28 19.23
NB HEM D . 5.97 9.80 21.17
NC HEM D . 4.95 7.23 21.47
ND HEM D . 3.14 7.73 19.44
FE HEM D . 4.61 8.71 20.26
O1 MES E . 6.85 9.54 16.53
C2 MES E . 7.55 8.63 15.65
C3 MES E . 7.69 9.24 14.25
N4 MES E . 6.34 9.53 13.70
C5 MES E . 5.64 10.48 14.63
C6 MES E . 5.53 9.81 16.02
C7 MES E . 6.60 10.18 12.39
C8 MES E . 7.71 9.60 11.70
S MES E . 7.70 10.12 9.95
O1S MES E . 7.22 11.49 9.83
O2S MES E . 6.82 9.24 9.19
O3S MES E . 9.05 10.04 9.41
FE FE F . -30.86 -35.98 -34.43
CHA HEM G . -2.22 -8.43 -18.56
CHB HEM G . -5.69 -8.50 -21.76
CHC HEM G . -6.85 -12.92 -20.46
CHD HEM G . -3.24 -12.92 -17.32
C1A HEM G . -3.03 -8.11 -19.58
C2A HEM G . -2.96 -6.89 -20.31
C3A HEM G . -3.93 -6.92 -21.22
C4A HEM G . -4.62 -8.14 -21.04
CMA HEM G . -4.26 -5.84 -22.23
CAA HEM G . -1.96 -5.75 -20.11
CBA HEM G . -2.46 -4.66 -19.14
CGA HEM G . -1.41 -3.57 -19.00
O1A HEM G . -0.36 -3.62 -19.62
O2A HEM G . -1.63 -2.52 -18.19
C1B HEM G . -6.36 -9.67 -21.61
C2B HEM G . -7.52 -9.98 -22.38
C3B HEM G . -7.89 -11.21 -22.08
C4B HEM G . -6.89 -11.67 -21.03
CMB HEM G . -8.20 -9.07 -23.40
CAB HEM G . -9.07 -11.93 -22.70
CBB HEM G . -9.43 -13.17 -22.40
C1C HEM G . -5.93 -13.33 -19.55
C2C HEM G . -5.87 -14.65 -19.02
C3C HEM G . -4.82 -14.68 -18.13
C4C HEM G . -4.27 -13.34 -18.10
CMC HEM G . -6.79 -15.80 -19.39
CAC HEM G . -4.35 -15.84 -17.33
CBC HEM G . -5.03 -16.28 -16.26
C1D HEM G . -2.74 -11.62 -17.33
C2D HEM G . -1.68 -11.16 -16.39
C3D HEM G . -1.40 -9.91 -16.74
C4D HEM G . -2.29 -9.60 -17.88
CMD HEM G . -1.05 -11.94 -15.27
CAD HEM G . -0.39 -8.97 -16.11
CBD HEM G . 0.94 -9.00 -16.88
CGD HEM G . 1.96 -8.06 -16.28
O1D HEM G . 1.71 -7.38 -15.32
O2D HEM G . 3.18 -7.98 -16.84
NA HEM G . -4.05 -8.93 -20.05
NB HEM G . -6.03 -10.66 -20.77
NC HEM G . -4.94 -12.55 -19.00
ND HEM G . -3.13 -10.62 -18.15
FE HEM G . -4.58 -10.73 -19.46
O1 MES H . -6.96 -7.23 -17.57
C2 MES H . -7.53 -7.06 -16.25
C3 MES H . -7.56 -5.56 -15.88
N4 MES H . -6.16 -5.04 -15.90
C5 MES H . -5.58 -5.23 -17.27
C6 MES H . -5.60 -6.74 -17.59
C7 MES H . -6.30 -3.58 -15.59
C8 MES H . -7.32 -3.33 -14.62
S MES H . -7.15 -1.62 -13.98
O1S MES H . -5.75 -1.23 -14.06
O2S MES H . -7.59 -1.56 -12.58
O3S MES H . -7.96 -0.73 -14.78
#